data_3ND0
#
_entry.id   3ND0
#
_cell.length_a   203.790
_cell.length_b   203.790
_cell.length_c   96.820
_cell.angle_alpha   90.00
_cell.angle_beta   90.00
_cell.angle_gamma   120.00
#
_symmetry.space_group_name_H-M   'P 3 2 1'
#
loop_
_entity.id
_entity.type
_entity.pdbx_description
1 polymer 'Sll0855 protein'
2 non-polymer 'CHLORIDE ION'
#
_entity_poly.entity_id   1
_entity_poly.type   'polypeptide(L)'
_entity_poly.pdbx_seq_one_letter_code
;MAADFETSNRRWLDKLPRNLTDSARSLHPRTLVAAIVVGLITGVLGAGFKSAVNNMLQWRSQLAQILAPIPPLAWLVTAL
ISGGMVALSFWLMKRFAPDTSGSGIPQIEGHLEGKLPLVWQRVLPIKLVGGFLSLGAGMLAGFEGPTIQMGGSIGQMTGG
WFKATQENQRILIAVGAGAGLATAFNAPLAGVALIGEEMHPRFRSQTLAYHSLLFGCVMATIILRMIRGQSAIISLTEFK
RVPLDSLWMFIILGILFGVMGYTFNRGLFKVLDWFDRLPPLATKWKGFLLGSIIGILSLFPLPLTDGGDNAVLWAFNSQS
HFSTLILVFCGRFLLTLICYGSGAIGGIFAPMLGIASIVSVAMARHFHLLFPSQIPEPAVMAIAGMGALVAATVRAPLTA
ILLTIEMTDNYFVILPLLVTCLVASVVAEALGGKPIYTVLLERTLAKQNRGSLVPRGSGGHHHHHH
;
_entity_poly.pdbx_strand_id   A,B
#
loop_
_chem_comp.id
_chem_comp.type
_chem_comp.name
_chem_comp.formula
CL non-polymer 'CHLORIDE ION' 'Cl -1'
#
# COMPACT_ATOMS: atom_id res chain seq x y z
N SER A 26 -19.25 -0.38 6.74
CA SER A 26 -20.15 0.65 7.25
C SER A 26 -20.46 1.67 6.16
N LEU A 27 -20.24 1.28 4.91
CA LEU A 27 -20.32 2.20 3.76
C LEU A 27 -21.72 2.31 3.13
N HIS A 28 -21.90 3.40 2.38
CA HIS A 28 -23.18 3.76 1.80
C HIS A 28 -23.07 4.00 0.29
N PRO A 29 -23.94 3.35 -0.50
CA PRO A 29 -23.92 3.24 -1.97
C PRO A 29 -23.82 4.55 -2.74
N ARG A 30 -24.80 5.44 -2.58
CA ARG A 30 -24.86 6.69 -3.36
C ARG A 30 -23.50 7.35 -3.54
N THR A 31 -22.70 7.38 -2.47
CA THR A 31 -21.39 8.02 -2.51
C THR A 31 -20.38 7.23 -3.34
N LEU A 32 -20.43 5.91 -3.22
CA LEU A 32 -19.53 5.04 -3.97
C LEU A 32 -19.63 5.29 -5.46
N VAL A 33 -20.85 5.24 -5.99
CA VAL A 33 -21.07 5.50 -7.41
C VAL A 33 -20.65 6.92 -7.78
N ALA A 34 -20.77 7.83 -6.82
CA ALA A 34 -20.31 9.21 -7.01
C ALA A 34 -18.79 9.22 -7.18
N ALA A 35 -18.11 8.40 -6.38
CA ALA A 35 -16.66 8.25 -6.49
C ALA A 35 -16.30 7.66 -7.85
N ILE A 36 -17.11 6.72 -8.31
CA ILE A 36 -16.93 6.15 -9.65
C ILE A 36 -16.92 7.25 -10.68
N VAL A 37 -17.89 8.15 -10.59
CA VAL A 37 -18.00 9.26 -11.54
C VAL A 37 -16.81 10.20 -11.41
N VAL A 38 -16.47 10.56 -10.17
CA VAL A 38 -15.31 11.43 -9.94
C VAL A 38 -14.08 10.86 -10.65
N GLY A 39 -13.62 9.70 -10.19
CA GLY A 39 -12.45 9.06 -10.78
C GLY A 39 -12.55 8.96 -12.29
N LEU A 40 -13.75 8.69 -12.79
CA LEU A 40 -13.99 8.62 -14.22
C LEU A 40 -13.66 9.95 -14.89
N ILE A 41 -14.13 11.04 -14.31
CA ILE A 41 -13.93 12.37 -14.88
C ILE A 41 -12.48 12.81 -14.80
N THR A 42 -11.90 12.79 -13.61
CA THR A 42 -10.51 13.21 -13.43
C THR A 42 -9.56 12.33 -14.23
N GLY A 43 -9.96 11.08 -14.46
CA GLY A 43 -9.19 10.18 -15.28
C GLY A 43 -9.10 10.69 -16.71
N VAL A 44 -10.26 10.97 -17.31
CA VAL A 44 -10.32 11.49 -18.67
C VAL A 44 -9.55 12.80 -18.78
N LEU A 45 -9.82 13.72 -17.86
CA LEU A 45 -9.15 15.02 -17.86
C LEU A 45 -7.65 14.88 -17.67
N GLY A 46 -7.25 14.15 -16.63
CA GLY A 46 -5.84 13.92 -16.37
C GLY A 46 -5.13 13.34 -17.58
N ALA A 47 -5.78 12.36 -18.22
CA ALA A 47 -5.20 11.73 -19.39
C ALA A 47 -5.07 12.72 -20.53
N GLY A 48 -6.18 13.33 -20.91
CA GLY A 48 -6.18 14.33 -21.97
C GLY A 48 -5.16 15.44 -21.73
N PHE A 49 -5.13 15.93 -20.49
CA PHE A 49 -4.21 17.00 -20.12
C PHE A 49 -2.76 16.59 -20.37
N LYS A 50 -2.38 15.40 -19.92
CA LYS A 50 -1.03 14.89 -20.14
C LYS A 50 -0.72 14.81 -21.64
N SER A 51 -1.64 14.23 -22.40
CA SER A 51 -1.47 14.10 -23.83
C SER A 51 -1.34 15.46 -24.50
N ALA A 52 -2.19 16.40 -24.06
CA ALA A 52 -2.18 17.76 -24.61
C ALA A 52 -0.85 18.45 -24.35
N VAL A 53 -0.32 18.26 -23.14
CA VAL A 53 0.95 18.88 -22.76
C VAL A 53 2.12 18.32 -23.57
N ASN A 54 2.13 16.99 -23.73
CA ASN A 54 3.19 16.34 -24.49
C ASN A 54 3.21 16.76 -25.95
N ASN A 55 2.02 16.77 -26.58
CA ASN A 55 1.90 17.25 -27.95
C ASN A 55 2.53 18.63 -28.10
N MET A 56 2.20 19.53 -27.18
CA MET A 56 2.77 20.87 -27.19
C MET A 56 4.28 20.80 -27.02
N LEU A 57 4.73 19.95 -26.10
CA LEU A 57 6.15 19.80 -25.82
C LEU A 57 6.93 19.39 -27.06
N GLN A 58 6.47 18.34 -27.73
CA GLN A 58 7.17 17.82 -28.89
C GLN A 58 7.01 18.75 -30.09
N TRP A 59 5.89 19.45 -30.16
CA TRP A 59 5.66 20.39 -31.24
C TRP A 59 6.70 21.51 -31.21
N ARG A 60 7.03 21.98 -30.01
CA ARG A 60 8.04 23.01 -29.85
C ARG A 60 9.43 22.46 -30.15
N SER A 61 9.59 21.16 -29.95
CA SER A 61 10.86 20.49 -30.23
C SER A 61 11.06 20.31 -31.73
N GLN A 62 9.95 20.03 -32.42
CA GLN A 62 9.99 19.86 -33.87
C GLN A 62 10.08 21.21 -34.56
N LEU A 63 9.48 22.23 -33.94
CA LEU A 63 9.53 23.58 -34.47
C LEU A 63 10.97 24.09 -34.37
N ALA A 64 11.67 23.65 -33.33
CA ALA A 64 13.06 24.04 -33.13
C ALA A 64 13.99 23.37 -34.14
N GLN A 65 13.59 22.22 -34.65
CA GLN A 65 14.42 21.48 -35.59
C GLN A 65 14.20 21.89 -37.03
N ILE A 66 12.99 22.35 -37.35
CA ILE A 66 12.70 22.87 -38.67
C ILE A 66 13.50 24.15 -38.91
N LEU A 67 13.62 24.98 -37.89
CA LEU A 67 14.37 26.23 -37.98
C LEU A 67 15.81 26.03 -37.54
N ALA A 68 16.12 24.83 -37.06
CA ALA A 68 17.46 24.51 -36.57
C ALA A 68 18.57 24.74 -37.59
N PRO A 69 18.38 24.27 -38.83
CA PRO A 69 19.44 24.36 -39.83
C PRO A 69 20.02 25.77 -39.99
N ILE A 70 19.17 26.78 -39.97
CA ILE A 70 19.66 28.14 -40.19
C ILE A 70 18.87 29.23 -39.48
N PRO A 71 19.45 29.84 -38.45
CA PRO A 71 20.63 29.35 -37.74
C PRO A 71 20.33 29.31 -36.23
N PRO A 72 20.75 30.33 -35.44
CA PRO A 72 20.07 30.39 -34.15
C PRO A 72 18.79 31.23 -34.23
N LEU A 73 18.14 31.22 -35.39
CA LEU A 73 16.84 31.86 -35.53
C LEU A 73 15.84 31.11 -34.65
N ALA A 74 16.00 29.80 -34.59
CA ALA A 74 15.16 28.96 -33.76
C ALA A 74 15.36 29.29 -32.29
N TRP A 75 16.57 29.76 -31.96
CA TRP A 75 16.90 30.17 -30.60
C TRP A 75 15.93 31.26 -30.13
N LEU A 76 15.57 32.16 -31.04
CA LEU A 76 14.71 33.29 -30.71
C LEU A 76 13.24 32.88 -30.66
N VAL A 77 12.82 32.08 -31.63
CA VAL A 77 11.43 31.65 -31.72
C VAL A 77 11.02 30.81 -30.51
N THR A 78 11.83 29.82 -30.17
CA THR A 78 11.52 28.95 -29.03
C THR A 78 11.58 29.74 -27.73
N ALA A 79 12.40 30.78 -27.71
CA ALA A 79 12.51 31.65 -26.54
C ALA A 79 11.22 32.44 -26.33
N LEU A 80 10.68 32.98 -27.43
CA LEU A 80 9.44 33.74 -27.37
C LEU A 80 8.26 32.85 -27.01
N ILE A 81 8.11 31.75 -27.74
CA ILE A 81 6.98 30.85 -27.54
C ILE A 81 6.92 30.35 -26.09
N SER A 82 8.06 29.91 -25.57
CA SER A 82 8.12 29.43 -24.18
C SER A 82 7.87 30.57 -23.18
N GLY A 83 8.61 31.65 -23.33
CA GLY A 83 8.46 32.81 -22.45
C GLY A 83 7.04 33.34 -22.45
N GLY A 84 6.47 33.51 -23.64
CA GLY A 84 5.13 34.02 -23.79
C GLY A 84 4.11 33.17 -23.05
N MET A 85 4.15 31.87 -23.30
CA MET A 85 3.22 30.93 -22.66
C MET A 85 3.28 31.06 -21.14
N VAL A 86 4.48 30.95 -20.58
CA VAL A 86 4.65 31.04 -19.13
C VAL A 86 4.16 32.38 -18.60
N ALA A 87 4.37 33.43 -19.39
CA ALA A 87 3.91 34.76 -19.03
C ALA A 87 2.38 34.80 -19.03
N LEU A 88 1.79 34.34 -20.13
CA LEU A 88 0.34 34.28 -20.25
C LEU A 88 -0.23 33.42 -19.13
N SER A 89 0.54 32.42 -18.72
CA SER A 89 0.15 31.54 -17.62
C SER A 89 0.10 32.30 -16.30
N PHE A 90 1.16 33.05 -16.04
CA PHE A 90 1.26 33.85 -14.82
C PHE A 90 0.16 34.92 -14.77
N TRP A 91 -0.26 35.37 -15.94
CA TRP A 91 -1.32 36.37 -16.04
C TRP A 91 -2.68 35.75 -15.71
N LEU A 92 -2.98 34.62 -16.37
CA LEU A 92 -4.23 33.92 -16.13
C LEU A 92 -4.39 33.52 -14.67
N MET A 93 -3.27 33.44 -13.95
CA MET A 93 -3.32 33.08 -12.55
C MET A 93 -3.98 34.19 -11.75
N LYS A 94 -3.29 35.32 -11.62
CA LYS A 94 -3.86 36.51 -11.01
C LYS A 94 -3.87 37.65 -12.02
N ARG A 95 -5.01 38.30 -12.21
CA ARG A 95 -6.24 38.01 -11.47
C ARG A 95 -7.13 37.00 -12.20
N PHE A 96 -7.52 35.94 -11.49
CA PHE A 96 -8.45 34.93 -11.98
C PHE A 96 -8.62 33.81 -10.95
N ALA A 97 -7.49 33.32 -10.44
CA ALA A 97 -7.49 32.28 -9.41
C ALA A 97 -6.08 31.99 -8.94
N PRO A 98 -5.50 32.91 -8.14
CA PRO A 98 -4.15 32.73 -7.59
C PRO A 98 -4.05 31.44 -6.76
N ASP A 99 -5.20 30.90 -6.38
CA ASP A 99 -5.26 29.68 -5.59
C ASP A 99 -4.57 28.52 -6.32
N THR A 100 -4.46 28.63 -7.63
CA THR A 100 -3.92 27.55 -8.46
C THR A 100 -2.40 27.56 -8.55
N SER A 101 -1.76 28.49 -7.85
CA SER A 101 -0.32 28.62 -7.88
C SER A 101 0.36 27.44 -7.17
N GLY A 102 1.37 26.89 -7.82
CA GLY A 102 2.18 25.84 -7.21
C GLY A 102 1.64 24.43 -7.39
N SER A 103 1.72 23.64 -6.31
CA SER A 103 1.30 22.25 -6.35
C SER A 103 -0.21 22.12 -6.41
N GLY A 104 -0.77 21.36 -5.46
CA GLY A 104 -2.19 21.13 -5.38
C GLY A 104 -2.50 20.43 -4.07
N ILE A 105 -1.52 19.68 -3.57
CA ILE A 105 -1.64 19.02 -2.29
C ILE A 105 -1.93 20.03 -1.17
N PRO A 106 -1.16 21.13 -1.11
CA PRO A 106 -1.39 22.12 -0.06
C PRO A 106 -2.79 22.72 -0.12
N GLN A 107 -3.28 23.01 -1.32
CA GLN A 107 -4.60 23.61 -1.49
C GLN A 107 -5.74 22.66 -1.14
N ILE A 108 -5.57 21.37 -1.45
CA ILE A 108 -6.57 20.38 -1.10
C ILE A 108 -6.43 19.94 0.35
N GLU A 109 -5.18 19.82 0.80
CA GLU A 109 -4.91 19.50 2.19
C GLU A 109 -5.50 20.59 3.07
N GLY A 110 -5.47 21.83 2.56
CA GLY A 110 -5.98 22.97 3.29
C GLY A 110 -7.49 22.94 3.39
N HIS A 111 -8.16 22.97 2.23
CA HIS A 111 -9.61 22.90 2.19
C HIS A 111 -10.14 21.72 3.00
N LEU A 112 -9.54 20.55 2.77
CA LEU A 112 -9.93 19.34 3.46
C LEU A 112 -9.82 19.45 4.98
N GLU A 113 -9.22 20.54 5.44
CA GLU A 113 -8.92 20.68 6.86
C GLU A 113 -9.57 21.93 7.47
N GLY A 114 -10.26 22.70 6.65
CA GLY A 114 -10.90 23.91 7.12
C GLY A 114 -10.33 25.15 6.44
N LYS A 115 -9.12 25.53 6.83
CA LYS A 115 -8.48 26.72 6.27
C LYS A 115 -8.47 26.66 4.75
N LEU A 116 -8.69 27.80 4.11
CA LEU A 116 -8.60 27.90 2.65
C LEU A 116 -9.81 27.27 1.93
N PRO A 117 -10.49 28.07 1.09
CA PRO A 117 -11.65 27.61 0.32
C PRO A 117 -11.24 27.06 -1.05
N LEU A 118 -12.14 26.33 -1.68
CA LEU A 118 -11.90 25.77 -3.01
C LEU A 118 -13.13 25.92 -3.89
N VAL A 119 -13.04 26.77 -4.91
CA VAL A 119 -14.15 26.94 -5.85
C VAL A 119 -13.82 26.35 -7.22
N TRP A 120 -14.53 25.30 -7.60
CA TRP A 120 -14.20 24.55 -8.80
C TRP A 120 -14.31 25.39 -10.08
N GLN A 121 -15.30 26.26 -10.13
CA GLN A 121 -15.54 27.08 -11.32
C GLN A 121 -14.34 27.98 -11.65
N ARG A 122 -13.47 28.23 -10.68
CA ARG A 122 -12.29 29.06 -10.92
C ARG A 122 -11.02 28.23 -11.09
N VAL A 123 -10.83 27.26 -10.21
CA VAL A 123 -9.68 26.37 -10.27
C VAL A 123 -9.69 25.54 -11.56
N LEU A 124 -10.73 24.71 -11.72
CA LEU A 124 -10.83 23.79 -12.84
C LEU A 124 -10.37 24.39 -14.17
N PRO A 125 -10.93 25.53 -14.58
CA PRO A 125 -10.54 26.11 -15.88
C PRO A 125 -9.15 26.73 -15.86
N ILE A 126 -8.82 27.51 -14.84
CA ILE A 126 -7.53 28.20 -14.79
C ILE A 126 -6.37 27.25 -14.54
N LYS A 127 -6.55 26.29 -13.64
CA LYS A 127 -5.53 25.28 -13.38
C LYS A 127 -5.22 24.52 -14.67
N LEU A 128 -6.27 24.20 -15.42
CA LEU A 128 -6.13 23.48 -16.68
C LEU A 128 -5.44 24.35 -17.73
N VAL A 129 -6.14 25.37 -18.22
CA VAL A 129 -5.62 26.24 -19.27
C VAL A 129 -4.27 26.84 -18.87
N GLY A 130 -4.16 27.28 -17.64
CA GLY A 130 -2.93 27.87 -17.15
C GLY A 130 -1.83 26.83 -16.98
N GLY A 131 -2.19 25.67 -16.46
CA GLY A 131 -1.24 24.60 -16.25
C GLY A 131 -0.68 24.07 -17.56
N PHE A 132 -1.53 24.03 -18.57
CA PHE A 132 -1.12 23.60 -19.89
C PHE A 132 -0.03 24.52 -20.44
N LEU A 133 -0.24 25.82 -20.30
CA LEU A 133 0.73 26.80 -20.79
C LEU A 133 2.07 26.65 -20.10
N SER A 134 2.05 26.52 -18.78
CA SER A 134 3.27 26.34 -18.01
C SER A 134 4.01 25.07 -18.42
N LEU A 135 3.37 23.93 -18.21
CA LEU A 135 3.97 22.64 -18.52
C LEU A 135 4.31 22.51 -20.01
N GLY A 136 3.40 22.95 -20.86
CA GLY A 136 3.61 22.89 -22.30
C GLY A 136 4.78 23.72 -22.76
N ALA A 137 5.16 24.71 -21.95
CA ALA A 137 6.29 25.57 -22.29
C ALA A 137 7.62 24.92 -21.90
N GLY A 138 7.53 23.84 -21.13
CA GLY A 138 8.72 23.10 -20.73
C GLY A 138 9.16 23.42 -19.32
N MET A 139 8.25 23.90 -18.49
CA MET A 139 8.54 24.23 -17.11
C MET A 139 8.90 22.98 -16.31
N LEU A 140 9.68 23.16 -15.25
CA LEU A 140 10.14 22.03 -14.44
C LEU A 140 9.02 21.51 -13.52
N ALA A 141 7.91 21.15 -14.15
CA ALA A 141 6.77 20.55 -13.48
C ALA A 141 6.03 19.75 -14.55
N GLY A 142 5.10 18.88 -14.15
CA GLY A 142 4.66 18.69 -12.79
C GLY A 142 3.22 18.25 -12.83
N PHE A 143 2.95 17.21 -13.61
CA PHE A 143 1.59 16.73 -13.89
C PHE A 143 0.71 16.62 -12.64
N GLU A 144 1.23 15.97 -11.61
CA GLU A 144 0.47 15.75 -10.39
C GLU A 144 0.06 17.06 -9.73
N GLY A 145 0.55 18.18 -10.28
CA GLY A 145 0.15 19.49 -9.80
C GLY A 145 -1.27 19.80 -10.22
N PRO A 146 -1.47 20.10 -11.51
CA PRO A 146 -2.79 20.37 -12.08
C PRO A 146 -3.78 19.23 -11.86
N THR A 147 -3.35 18.00 -12.08
CA THR A 147 -4.27 16.86 -12.00
C THR A 147 -4.81 16.62 -10.59
N ILE A 148 -4.00 16.90 -9.57
CA ILE A 148 -4.42 16.69 -8.19
C ILE A 148 -5.37 17.77 -7.70
N GLN A 149 -5.18 19.00 -8.17
CA GLN A 149 -6.10 20.08 -7.85
C GLN A 149 -7.37 19.97 -8.68
N MET A 150 -7.21 19.69 -9.98
CA MET A 150 -8.36 19.50 -10.85
C MET A 150 -9.22 18.36 -10.37
N GLY A 151 -8.58 17.36 -9.76
CA GLY A 151 -9.28 16.24 -9.19
C GLY A 151 -10.15 16.69 -8.02
N GLY A 152 -9.55 17.43 -7.10
CA GLY A 152 -10.28 17.98 -5.97
C GLY A 152 -11.47 18.81 -6.41
N SER A 153 -11.27 19.61 -7.46
CA SER A 153 -12.33 20.41 -8.03
C SER A 153 -13.48 19.51 -8.49
N ILE A 154 -13.14 18.55 -9.34
CA ILE A 154 -14.14 17.61 -9.86
C ILE A 154 -14.83 16.88 -8.72
N GLY A 155 -14.06 16.53 -7.69
CA GLY A 155 -14.59 15.85 -6.54
C GLY A 155 -15.69 16.66 -5.90
N GLN A 156 -15.45 17.96 -5.77
CA GLN A 156 -16.43 18.89 -5.24
C GLN A 156 -17.53 19.12 -6.28
N MET A 157 -17.12 19.41 -7.50
CA MET A 157 -18.05 19.68 -8.60
C MET A 157 -19.15 18.62 -8.69
N THR A 158 -18.77 17.37 -8.56
CA THR A 158 -19.71 16.26 -8.68
C THR A 158 -20.42 16.00 -7.36
N GLY A 159 -19.78 16.38 -6.26
CA GLY A 159 -20.39 16.25 -4.94
C GLY A 159 -21.66 17.06 -4.86
N GLY A 160 -21.62 18.25 -5.46
CA GLY A 160 -22.78 19.12 -5.50
C GLY A 160 -23.86 18.56 -6.40
N TRP A 161 -23.46 18.12 -7.59
CA TRP A 161 -24.38 17.51 -8.55
C TRP A 161 -25.16 16.35 -7.90
N PHE A 162 -24.46 15.57 -7.09
CA PHE A 162 -25.05 14.40 -6.45
C PHE A 162 -25.79 14.76 -5.16
N LYS A 163 -25.68 16.02 -4.74
CA LYS A 163 -26.30 16.46 -3.49
C LYS A 163 -25.74 15.68 -2.30
N ALA A 164 -24.43 15.51 -2.28
CA ALA A 164 -23.76 14.75 -1.22
C ALA A 164 -23.69 15.55 0.08
N THR A 165 -23.82 14.87 1.21
CA THR A 165 -23.75 15.52 2.51
C THR A 165 -22.39 16.20 2.71
N GLN A 166 -22.25 16.90 3.83
CA GLN A 166 -21.03 17.63 4.14
C GLN A 166 -19.82 16.71 4.12
N GLU A 167 -19.81 15.73 5.02
CA GLU A 167 -18.70 14.79 5.11
C GLU A 167 -18.45 14.09 3.78
N ASN A 168 -19.54 13.61 3.16
CA ASN A 168 -19.43 12.91 1.88
C ASN A 168 -18.76 13.75 0.81
N GLN A 169 -19.00 15.06 0.84
CA GLN A 169 -18.39 15.96 -0.13
C GLN A 169 -16.90 16.14 0.17
N ARG A 170 -16.52 16.06 1.44
CA ARG A 170 -15.11 16.06 1.79
C ARG A 170 -14.45 14.85 1.13
N ILE A 171 -15.06 13.69 1.35
CA ILE A 171 -14.59 12.43 0.79
C ILE A 171 -14.38 12.55 -0.71
N LEU A 172 -15.42 12.97 -1.43
CA LEU A 172 -15.34 13.08 -2.89
C LEU A 172 -14.20 14.00 -3.32
N ILE A 173 -13.93 15.04 -2.53
CA ILE A 173 -12.82 15.93 -2.84
C ILE A 173 -11.50 15.21 -2.66
N ALA A 174 -11.40 14.43 -1.59
CA ALA A 174 -10.21 13.61 -1.36
C ALA A 174 -10.08 12.57 -2.47
N VAL A 175 -11.20 11.93 -2.79
CA VAL A 175 -11.24 10.97 -3.90
C VAL A 175 -10.66 11.59 -5.16
N GLY A 176 -11.09 12.81 -5.47
CA GLY A 176 -10.60 13.52 -6.64
C GLY A 176 -9.10 13.74 -6.57
N ALA A 177 -8.61 14.09 -5.39
CA ALA A 177 -7.18 14.38 -5.21
C ALA A 177 -6.34 13.12 -5.42
N GLY A 178 -6.77 12.01 -4.83
CA GLY A 178 -6.09 10.75 -5.00
C GLY A 178 -6.11 10.30 -6.45
N ALA A 179 -7.26 10.39 -7.08
CA ALA A 179 -7.40 10.03 -8.48
C ALA A 179 -6.47 10.87 -9.33
N GLY A 180 -6.28 12.13 -8.95
CA GLY A 180 -5.41 13.03 -9.66
C GLY A 180 -3.99 12.50 -9.74
N LEU A 181 -3.47 12.05 -8.60
CA LEU A 181 -2.14 11.46 -8.55
C LEU A 181 -2.08 10.16 -9.32
N ALA A 182 -3.09 9.31 -9.13
CA ALA A 182 -3.15 8.01 -9.78
C ALA A 182 -3.12 8.16 -11.30
N THR A 183 -3.68 9.26 -11.79
CA THR A 183 -3.76 9.50 -13.23
C THR A 183 -2.42 9.98 -13.80
N ALA A 184 -1.62 10.62 -12.98
CA ALA A 184 -0.35 11.18 -13.42
C ALA A 184 0.76 10.14 -13.53
N PHE A 185 0.61 9.04 -12.82
CA PHE A 185 1.67 8.02 -12.77
C PHE A 185 1.14 6.61 -12.99
N ASN A 186 -0.13 6.50 -13.40
CA ASN A 186 -0.75 5.19 -13.55
C ASN A 186 -0.50 4.37 -12.27
N ALA A 187 -0.78 4.99 -11.13
CA ALA A 187 -0.49 4.38 -9.84
C ALA A 187 -1.65 4.54 -8.85
N PRO A 188 -2.61 3.61 -8.88
CA PRO A 188 -3.78 3.63 -8.00
C PRO A 188 -3.42 3.72 -6.53
N LEU A 189 -2.79 2.68 -5.99
CA LEU A 189 -2.41 2.65 -4.58
C LEU A 189 -1.74 3.94 -4.11
N ALA A 190 -0.91 4.53 -4.97
CA ALA A 190 -0.21 5.76 -4.61
C ALA A 190 -1.21 6.86 -4.26
N GLY A 191 -2.14 7.11 -5.16
CA GLY A 191 -3.18 8.10 -4.94
C GLY A 191 -3.94 7.86 -3.65
N VAL A 192 -4.09 6.59 -3.30
CA VAL A 192 -4.77 6.23 -2.05
C VAL A 192 -3.87 6.54 -0.85
N ALA A 193 -2.65 6.02 -0.90
CA ALA A 193 -1.68 6.23 0.18
C ALA A 193 -1.48 7.72 0.43
N LEU A 194 -1.56 8.52 -0.63
CA LEU A 194 -1.41 9.96 -0.52
C LEU A 194 -2.36 10.51 0.53
N ILE A 195 -3.66 10.40 0.26
CA ILE A 195 -4.69 10.88 1.17
C ILE A 195 -4.46 10.35 2.59
N GLY A 196 -4.06 9.09 2.69
CA GLY A 196 -3.84 8.45 3.98
C GLY A 196 -2.68 9.02 4.77
N GLU A 197 -1.47 8.80 4.29
CA GLU A 197 -0.27 9.25 5.00
C GLU A 197 -0.21 10.76 5.08
N GLU A 198 0.24 11.41 4.01
CA GLU A 198 0.26 12.86 3.95
C GLU A 198 -1.18 13.36 3.84
N MET A 199 -1.43 14.59 4.24
CA MET A 199 -2.76 15.17 4.09
C MET A 199 -3.79 14.33 4.84
N HIS A 200 -3.46 13.93 6.06
CA HIS A 200 -4.35 13.07 6.84
C HIS A 200 -5.61 13.82 7.25
N PRO A 201 -6.77 13.40 6.71
CA PRO A 201 -8.06 14.03 6.96
C PRO A 201 -8.80 13.37 8.11
N ARG A 202 -9.99 13.87 8.43
CA ARG A 202 -10.77 13.33 9.55
C ARG A 202 -11.66 12.16 9.14
N PHE A 203 -12.72 12.46 8.40
CA PHE A 203 -13.71 11.44 8.01
C PHE A 203 -14.30 10.80 9.26
N ARG A 204 -15.44 11.31 9.70
CA ARG A 204 -15.95 10.99 11.03
C ARG A 204 -17.43 10.63 11.02
N SER A 205 -17.73 9.37 11.35
CA SER A 205 -16.70 8.37 11.59
C SER A 205 -16.52 7.50 10.35
N GLN A 206 -17.04 7.98 9.23
CA GLN A 206 -17.03 7.23 7.98
C GLN A 206 -15.61 7.09 7.42
N THR A 207 -14.77 6.34 8.13
CA THR A 207 -13.38 6.14 7.72
C THR A 207 -13.32 5.22 6.51
N LEU A 208 -14.48 4.65 6.16
CA LEU A 208 -14.60 3.84 4.95
C LEU A 208 -14.81 4.73 3.73
N ALA A 209 -14.08 5.84 3.71
CA ALA A 209 -13.88 6.62 2.51
C ALA A 209 -12.74 5.95 1.74
N TYR A 210 -12.09 5.01 2.41
CA TYR A 210 -11.10 4.16 1.77
C TYR A 210 -11.70 3.55 0.51
N HIS A 211 -12.87 2.93 0.66
CA HIS A 211 -13.59 2.36 -0.47
C HIS A 211 -13.81 3.41 -1.54
N SER A 212 -14.20 4.60 -1.11
CA SER A 212 -14.41 5.69 -2.05
C SER A 212 -13.12 6.05 -2.78
N LEU A 213 -12.02 6.14 -2.04
CA LEU A 213 -10.71 6.39 -2.62
C LEU A 213 -10.35 5.34 -3.67
N LEU A 214 -10.28 4.09 -3.24
CA LEU A 214 -9.96 2.99 -4.13
C LEU A 214 -10.82 3.05 -5.38
N PHE A 215 -12.13 2.97 -5.20
CA PHE A 215 -13.07 3.08 -6.31
C PHE A 215 -12.68 4.19 -7.28
N GLY A 216 -12.48 5.38 -6.73
CA GLY A 216 -12.13 6.54 -7.53
C GLY A 216 -10.81 6.38 -8.26
N CYS A 217 -9.81 5.88 -7.56
CA CYS A 217 -8.49 5.68 -8.16
C CYS A 217 -8.51 4.59 -9.22
N VAL A 218 -9.26 3.52 -8.96
CA VAL A 218 -9.40 2.44 -9.93
C VAL A 218 -9.90 2.98 -11.25
N MET A 219 -11.09 3.56 -11.22
CA MET A 219 -11.69 4.15 -12.42
C MET A 219 -10.74 5.10 -13.12
N ALA A 220 -10.05 5.92 -12.32
CA ALA A 220 -9.12 6.90 -12.86
C ALA A 220 -8.06 6.24 -13.74
N THR A 221 -7.42 5.20 -13.22
CA THR A 221 -6.34 4.54 -13.94
C THR A 221 -6.88 3.68 -15.10
N ILE A 222 -8.05 3.10 -14.91
CA ILE A 222 -8.70 2.34 -15.97
C ILE A 222 -8.84 3.24 -17.20
N ILE A 223 -9.54 4.36 -17.03
CA ILE A 223 -9.69 5.35 -18.08
C ILE A 223 -8.32 5.76 -18.62
N LEU A 224 -7.39 6.00 -17.71
CA LEU A 224 -6.04 6.40 -18.07
C LEU A 224 -5.37 5.36 -18.98
N ARG A 225 -5.66 4.09 -18.73
CA ARG A 225 -5.03 3.01 -19.48
C ARG A 225 -5.70 2.76 -20.82
N MET A 226 -6.98 3.12 -20.92
CA MET A 226 -7.69 3.02 -22.18
C MET A 226 -7.23 4.11 -23.15
N ILE A 227 -6.81 5.24 -22.58
CA ILE A 227 -6.46 6.40 -23.39
C ILE A 227 -4.99 6.43 -23.75
N ARG A 228 -4.13 5.98 -22.85
CA ARG A 228 -2.69 5.98 -23.09
C ARG A 228 -1.97 4.81 -22.45
N GLY A 229 -2.70 3.97 -21.73
CA GLY A 229 -2.12 2.82 -21.04
C GLY A 229 -1.46 1.87 -22.02
N GLN A 230 -1.17 0.65 -21.58
CA GLN A 230 -1.52 0.20 -20.23
C GLN A 230 -0.25 0.00 -19.38
N SER A 231 0.90 0.18 -20.03
CA SER A 231 2.18 -0.07 -19.38
C SER A 231 2.53 0.99 -18.33
N ALA A 232 3.36 0.59 -17.37
CA ALA A 232 3.82 1.51 -16.33
C ALA A 232 4.78 2.54 -16.91
N ILE A 233 5.13 3.54 -16.11
CA ILE A 233 6.04 4.60 -16.54
C ILE A 233 7.39 4.03 -16.95
N ILE A 234 7.94 3.15 -16.11
CA ILE A 234 9.20 2.48 -16.41
C ILE A 234 9.29 1.12 -15.71
N SER A 235 8.84 0.08 -16.42
CA SER A 235 8.78 -1.26 -15.84
C SER A 235 10.14 -1.96 -15.79
N LEU A 236 10.73 -2.03 -14.61
CA LEU A 236 11.97 -2.76 -14.40
C LEU A 236 11.69 -4.02 -13.60
N THR A 237 10.86 -4.89 -14.17
CA THR A 237 10.30 -6.01 -13.41
C THR A 237 11.23 -7.22 -13.23
N GLU A 238 12.26 -7.32 -14.06
CA GLU A 238 13.10 -8.52 -14.05
C GLU A 238 14.38 -8.40 -13.20
N PHE A 239 14.57 -7.24 -12.58
CA PHE A 239 15.66 -7.08 -11.61
C PHE A 239 15.14 -7.50 -10.25
N LYS A 240 15.56 -8.67 -9.78
CA LYS A 240 14.99 -9.23 -8.57
C LYS A 240 15.99 -9.92 -7.66
N ARG A 241 17.28 -9.76 -7.93
CA ARG A 241 18.31 -10.35 -7.08
C ARG A 241 18.79 -9.32 -6.05
N VAL A 242 18.17 -9.32 -4.88
CA VAL A 242 18.47 -8.34 -3.84
C VAL A 242 18.92 -9.01 -2.55
N PRO A 243 20.23 -9.29 -2.43
CA PRO A 243 20.79 -9.99 -1.26
C PRO A 243 20.57 -9.21 0.04
N LEU A 244 20.34 -9.94 1.13
CA LEU A 244 20.03 -9.33 2.42
C LEU A 244 21.19 -8.52 2.99
N ASP A 245 22.41 -8.98 2.77
CA ASP A 245 23.58 -8.27 3.28
C ASP A 245 24.00 -7.14 2.34
N SER A 246 23.01 -6.42 1.84
CA SER A 246 23.24 -5.23 1.03
C SER A 246 22.48 -4.06 1.61
N LEU A 247 21.61 -4.33 2.57
CA LEU A 247 20.73 -3.33 3.13
C LEU A 247 21.52 -2.18 3.78
N TRP A 248 22.65 -2.52 4.37
CA TRP A 248 23.50 -1.52 5.02
C TRP A 248 23.81 -0.38 4.06
N MET A 249 23.88 -0.70 2.76
CA MET A 249 24.12 0.31 1.73
C MET A 249 22.98 1.32 1.66
N PHE A 250 21.75 0.82 1.71
CA PHE A 250 20.59 1.69 1.59
C PHE A 250 20.41 2.58 2.81
N ILE A 251 20.92 2.12 3.95
CA ILE A 251 20.94 2.97 5.14
C ILE A 251 21.76 4.22 4.86
N ILE A 252 22.82 4.06 4.07
CA ILE A 252 23.63 5.19 3.67
C ILE A 252 22.90 6.00 2.61
N LEU A 253 22.34 5.31 1.63
CA LEU A 253 21.58 5.95 0.55
C LEU A 253 20.48 6.82 1.15
N GLY A 254 19.91 6.35 2.24
CA GLY A 254 18.90 7.10 2.98
C GLY A 254 19.51 8.34 3.61
N ILE A 255 20.56 8.14 4.41
CA ILE A 255 21.27 9.27 5.01
C ILE A 255 21.53 10.33 3.96
N LEU A 256 21.91 9.90 2.76
CA LEU A 256 22.23 10.82 1.68
C LEU A 256 21.00 11.60 1.26
N PHE A 257 19.96 10.88 0.83
CA PHE A 257 18.69 11.50 0.44
C PHE A 257 18.05 12.26 1.60
N GLY A 258 18.41 11.91 2.82
CA GLY A 258 17.94 12.63 3.98
C GLY A 258 18.40 14.07 3.93
N VAL A 259 19.71 14.28 3.91
CA VAL A 259 20.26 15.63 3.88
C VAL A 259 19.91 16.32 2.56
N MET A 260 19.70 15.53 1.52
CA MET A 260 19.32 16.08 0.22
C MET A 260 17.95 16.73 0.31
N GLY A 261 16.97 15.98 0.82
CA GLY A 261 15.64 16.50 1.02
C GLY A 261 15.66 17.70 1.95
N TYR A 262 16.58 17.68 2.90
CA TYR A 262 16.73 18.77 3.85
C TYR A 262 17.09 20.07 3.15
N THR A 263 18.15 20.05 2.35
CA THR A 263 18.59 21.26 1.67
C THR A 263 17.65 21.65 0.54
N PHE A 264 16.95 20.66 -0.02
CA PHE A 264 15.97 20.95 -1.06
C PHE A 264 14.81 21.76 -0.49
N ASN A 265 14.30 21.33 0.67
CA ASN A 265 13.26 22.10 1.35
C ASN A 265 13.76 23.49 1.70
N ARG A 266 14.84 23.56 2.47
CA ARG A 266 15.42 24.84 2.88
C ARG A 266 15.67 25.76 1.69
N GLY A 267 16.24 25.20 0.63
CA GLY A 267 16.51 25.97 -0.57
C GLY A 267 15.26 26.52 -1.21
N LEU A 268 14.24 25.67 -1.32
CA LEU A 268 12.97 26.06 -1.93
C LEU A 268 12.40 27.29 -1.23
N PHE A 269 12.39 27.25 0.10
CA PHE A 269 11.80 28.32 0.90
C PHE A 269 12.52 29.65 0.70
N LYS A 270 13.84 29.61 0.67
CA LYS A 270 14.63 30.82 0.41
C LYS A 270 14.29 31.41 -0.96
N VAL A 271 14.20 30.54 -1.96
CA VAL A 271 13.87 30.98 -3.32
C VAL A 271 12.45 31.52 -3.36
N LEU A 272 11.57 30.95 -2.54
CA LEU A 272 10.19 31.44 -2.45
C LEU A 272 10.14 32.84 -1.85
N ASP A 273 10.93 33.08 -0.80
CA ASP A 273 11.00 34.38 -0.17
C ASP A 273 11.48 35.44 -1.16
N TRP A 274 12.61 35.16 -1.81
CA TRP A 274 13.18 36.07 -2.79
C TRP A 274 12.15 36.49 -3.84
N PHE A 275 11.35 35.54 -4.30
CA PHE A 275 10.34 35.82 -5.32
C PHE A 275 9.17 36.62 -4.75
N ASP A 276 8.87 36.42 -3.47
CA ASP A 276 7.81 37.13 -2.79
C ASP A 276 8.13 38.61 -2.63
N ARG A 277 9.43 38.92 -2.63
CA ARG A 277 9.88 40.29 -2.39
C ARG A 277 9.84 41.15 -3.65
N LEU A 278 8.89 40.88 -4.54
CA LEU A 278 8.67 41.77 -5.68
C LEU A 278 10.01 42.01 -6.39
N PRO A 279 10.29 43.23 -6.90
CA PRO A 279 9.53 44.48 -7.06
C PRO A 279 8.39 44.34 -8.07
N PRO A 280 7.40 45.23 -7.99
CA PRO A 280 6.21 45.20 -8.86
C PRO A 280 6.57 45.05 -10.34
N LEU A 281 7.68 45.63 -10.76
CA LEU A 281 8.11 45.57 -12.16
C LEU A 281 8.70 44.20 -12.49
N ALA A 282 9.51 43.67 -11.59
CA ALA A 282 10.15 42.37 -11.79
C ALA A 282 9.11 41.29 -12.05
N THR A 283 7.97 41.39 -11.35
CA THR A 283 6.89 40.42 -11.50
C THR A 283 6.31 40.47 -12.90
N LYS A 284 6.18 41.68 -13.44
CA LYS A 284 5.62 41.87 -14.77
C LYS A 284 6.42 41.08 -15.81
N TRP A 285 7.73 41.03 -15.63
CA TRP A 285 8.62 40.34 -16.56
C TRP A 285 8.95 38.92 -16.11
N LYS A 286 8.87 38.67 -14.82
CA LYS A 286 9.18 37.35 -14.26
C LYS A 286 8.63 36.24 -15.15
N GLY A 287 7.35 36.35 -15.50
CA GLY A 287 6.72 35.37 -16.35
C GLY A 287 7.47 35.13 -17.65
N PHE A 288 7.74 36.20 -18.38
CA PHE A 288 8.39 36.10 -19.68
C PHE A 288 9.84 35.64 -19.57
N LEU A 289 10.61 36.31 -18.71
CA LEU A 289 12.03 35.99 -18.53
C LEU A 289 12.23 34.53 -18.12
N LEU A 290 11.59 34.14 -17.02
CA LEU A 290 11.74 32.79 -16.50
C LEU A 290 11.32 31.74 -17.52
N GLY A 291 10.28 32.05 -18.29
CA GLY A 291 9.77 31.12 -19.29
C GLY A 291 10.62 31.08 -20.55
N SER A 292 11.41 32.13 -20.78
CA SER A 292 12.23 32.20 -21.98
C SER A 292 13.57 31.47 -21.80
N ILE A 293 14.17 31.61 -20.62
CA ILE A 293 15.37 30.86 -20.28
C ILE A 293 15.09 29.37 -20.39
N ILE A 294 13.97 28.94 -19.80
CA ILE A 294 13.52 27.55 -19.91
C ILE A 294 13.41 27.15 -21.37
N GLY A 295 12.90 28.06 -22.20
CA GLY A 295 12.75 27.82 -23.62
C GLY A 295 14.06 27.45 -24.29
N ILE A 296 15.12 28.19 -23.95
CA ILE A 296 16.45 27.93 -24.50
C ILE A 296 16.95 26.56 -24.07
N LEU A 297 16.86 26.27 -22.77
CA LEU A 297 17.36 25.02 -22.23
C LEU A 297 16.63 23.79 -22.81
N SER A 298 15.47 24.03 -23.42
CA SER A 298 14.72 22.95 -24.04
C SER A 298 15.43 22.40 -25.27
N LEU A 299 16.25 23.24 -25.89
CA LEU A 299 16.94 22.88 -27.13
C LEU A 299 18.05 21.86 -26.92
N PHE A 300 18.84 22.04 -25.88
CA PHE A 300 19.92 21.11 -25.56
C PHE A 300 19.39 19.69 -25.42
N PRO A 301 20.18 18.71 -25.89
CA PRO A 301 19.76 17.31 -25.85
C PRO A 301 20.01 16.67 -24.48
N LEU A 302 19.39 17.24 -23.46
CA LEU A 302 19.44 16.70 -22.11
C LEU A 302 18.09 16.89 -21.44
N PRO A 303 17.72 15.98 -20.53
CA PRO A 303 16.44 16.07 -19.83
C PRO A 303 16.50 17.07 -18.68
N LEU A 304 16.90 18.30 -18.95
CA LEU A 304 17.03 19.31 -17.90
C LEU A 304 15.87 20.31 -17.92
N THR A 305 14.78 19.94 -18.57
CA THR A 305 13.53 20.69 -18.50
C THR A 305 12.36 19.71 -18.41
N ASP A 306 11.15 20.22 -18.55
CA ASP A 306 9.95 19.37 -18.56
C ASP A 306 9.67 18.74 -17.20
N GLY A 307 8.59 17.97 -17.14
CA GLY A 307 8.10 17.39 -15.89
C GLY A 307 9.14 16.68 -15.05
N GLY A 308 9.74 15.63 -15.61
CA GLY A 308 10.70 14.82 -14.89
C GLY A 308 10.70 13.38 -15.35
N ASP A 309 9.61 12.99 -16.01
CA ASP A 309 9.50 11.65 -16.58
C ASP A 309 10.70 11.39 -17.46
N ASN A 310 10.97 12.33 -18.37
CA ASN A 310 12.15 12.26 -19.21
C ASN A 310 13.43 12.03 -18.40
N ALA A 311 13.59 12.79 -17.32
CA ALA A 311 14.77 12.65 -16.46
C ALA A 311 14.88 11.24 -15.92
N VAL A 312 13.74 10.65 -15.56
CA VAL A 312 13.73 9.29 -15.03
C VAL A 312 14.02 8.28 -16.15
N LEU A 313 13.33 8.43 -17.27
CA LEU A 313 13.58 7.59 -18.45
C LEU A 313 14.95 7.92 -19.04
N TRP A 314 15.73 8.70 -18.31
CA TRP A 314 17.07 9.08 -18.76
C TRP A 314 18.12 8.49 -17.82
N ALA A 315 17.87 8.58 -16.51
CA ALA A 315 18.71 7.91 -15.52
C ALA A 315 18.89 6.48 -15.99
N PHE A 316 17.84 5.68 -15.85
CA PHE A 316 17.66 4.53 -16.71
C PHE A 316 16.94 5.15 -17.90
N ASN A 317 17.26 4.71 -19.11
CA ASN A 317 18.20 3.63 -19.34
C ASN A 317 19.43 4.13 -20.09
N SER A 318 19.23 5.13 -20.94
CA SER A 318 20.31 5.67 -21.76
C SER A 318 21.60 5.87 -20.97
N GLN A 319 22.48 4.87 -21.05
CA GLN A 319 23.76 4.95 -20.38
C GLN A 319 24.43 6.27 -20.76
N SER A 320 24.79 7.05 -19.75
CA SER A 320 25.40 8.35 -20.00
C SER A 320 26.51 8.64 -18.98
N HIS A 321 27.46 9.47 -19.39
CA HIS A 321 28.63 9.77 -18.58
C HIS A 321 28.28 10.13 -17.14
N PHE A 322 28.97 9.50 -16.21
CA PHE A 322 28.78 9.77 -14.79
C PHE A 322 28.90 11.26 -14.49
N SER A 323 29.64 11.97 -15.34
CA SER A 323 29.79 13.41 -15.20
C SER A 323 28.50 14.12 -15.61
N THR A 324 27.94 13.69 -16.72
CA THR A 324 26.70 14.27 -17.23
C THR A 324 25.57 14.10 -16.24
N LEU A 325 25.60 12.99 -15.49
CA LEU A 325 24.64 12.78 -14.43
C LEU A 325 24.73 13.91 -13.41
N ILE A 326 25.95 14.15 -12.93
CA ILE A 326 26.19 15.21 -11.98
C ILE A 326 25.75 16.55 -12.54
N LEU A 327 25.93 16.73 -13.85
CA LEU A 327 25.57 17.96 -14.52
C LEU A 327 24.06 18.18 -14.52
N VAL A 328 23.33 17.22 -15.08
CA VAL A 328 21.87 17.30 -15.14
C VAL A 328 21.24 17.37 -13.76
N PHE A 329 21.85 16.69 -12.79
CA PHE A 329 21.36 16.71 -11.42
C PHE A 329 21.37 18.12 -10.86
N CYS A 330 22.48 18.83 -11.04
CA CYS A 330 22.59 20.20 -10.58
C CYS A 330 21.65 21.11 -11.35
N GLY A 331 21.67 20.97 -12.68
CA GLY A 331 20.80 21.76 -13.53
C GLY A 331 19.36 21.70 -13.06
N ARG A 332 18.82 20.48 -12.98
CA ARG A 332 17.44 20.29 -12.59
C ARG A 332 17.17 20.69 -11.13
N PHE A 333 18.07 20.31 -10.24
CA PHE A 333 17.90 20.63 -8.83
C PHE A 333 17.76 22.14 -8.61
N LEU A 334 18.50 22.92 -9.39
CA LEU A 334 18.41 24.37 -9.30
C LEU A 334 17.21 24.90 -10.09
N LEU A 335 17.08 24.45 -11.33
CA LEU A 335 15.99 24.90 -12.19
C LEU A 335 14.60 24.63 -11.61
N THR A 336 14.45 23.53 -10.90
CA THR A 336 13.16 23.22 -10.27
C THR A 336 12.87 24.20 -9.13
N LEU A 337 13.91 24.58 -8.39
CA LEU A 337 13.77 25.56 -7.34
C LEU A 337 13.36 26.91 -7.89
N ILE A 338 14.01 27.32 -8.98
CA ILE A 338 13.66 28.56 -9.64
C ILE A 338 12.24 28.48 -10.20
N CYS A 339 11.94 27.39 -10.90
CA CYS A 339 10.62 27.22 -11.49
C CYS A 339 9.49 27.27 -10.46
N TYR A 340 9.50 26.33 -9.52
CA TYR A 340 8.45 26.29 -8.52
C TYR A 340 8.52 27.51 -7.60
N GLY A 341 9.73 27.98 -7.34
CA GLY A 341 9.94 29.15 -6.50
C GLY A 341 9.29 30.39 -7.08
N SER A 342 9.20 30.44 -8.41
CA SER A 342 8.61 31.59 -9.08
C SER A 342 7.10 31.60 -8.90
N GLY A 343 6.56 30.47 -8.45
CA GLY A 343 5.13 30.36 -8.18
C GLY A 343 4.29 30.10 -9.41
N ALA A 344 4.91 29.53 -10.45
CA ALA A 344 4.16 29.17 -11.65
C ALA A 344 3.33 27.92 -11.38
N ILE A 345 2.29 27.71 -12.20
CA ILE A 345 1.45 26.53 -12.04
C ILE A 345 2.30 25.29 -12.23
N GLY A 346 2.68 24.66 -11.13
CA GLY A 346 3.67 23.60 -11.17
C GLY A 346 3.20 22.24 -10.72
N GLY A 347 3.91 21.70 -9.72
CA GLY A 347 3.77 20.32 -9.32
C GLY A 347 5.17 19.83 -9.02
N ILE A 348 5.37 19.28 -7.84
CA ILE A 348 6.73 19.06 -7.35
C ILE A 348 7.14 17.58 -7.25
N PHE A 349 6.19 16.68 -7.44
CA PHE A 349 6.45 15.24 -7.31
C PHE A 349 7.40 14.70 -8.38
N ALA A 350 7.01 14.87 -9.64
CA ALA A 350 7.82 14.40 -10.76
C ALA A 350 9.24 14.96 -10.75
N PRO A 351 9.39 16.27 -10.56
CA PRO A 351 10.73 16.87 -10.49
C PRO A 351 11.61 16.18 -9.45
N MET A 352 11.04 15.83 -8.30
CA MET A 352 11.81 15.18 -7.25
C MET A 352 12.03 13.70 -7.55
N LEU A 353 11.35 13.20 -8.57
CA LEU A 353 11.56 11.83 -9.03
C LEU A 353 12.72 11.78 -10.01
N GLY A 354 12.77 12.76 -10.92
CA GLY A 354 13.86 12.86 -11.86
C GLY A 354 15.19 13.10 -11.16
N ILE A 355 15.20 14.06 -10.25
CA ILE A 355 16.39 14.37 -9.47
C ILE A 355 16.90 13.16 -8.70
N ALA A 356 15.99 12.49 -8.00
CA ALA A 356 16.35 11.33 -7.20
C ALA A 356 16.90 10.20 -8.06
N SER A 357 16.16 9.83 -9.09
CA SER A 357 16.55 8.73 -9.97
C SER A 357 17.90 8.98 -10.64
N ILE A 358 18.17 10.24 -10.98
CA ILE A 358 19.47 10.60 -11.52
C ILE A 358 20.57 10.33 -10.47
N VAL A 359 20.29 10.69 -9.22
CA VAL A 359 21.24 10.46 -8.13
C VAL A 359 21.40 8.99 -7.80
N SER A 360 20.27 8.29 -7.66
CA SER A 360 20.29 6.88 -7.27
C SER A 360 20.96 6.01 -8.34
N VAL A 361 20.87 6.43 -9.59
CA VAL A 361 21.55 5.74 -10.67
C VAL A 361 23.07 5.90 -10.55
N ALA A 362 23.51 7.13 -10.33
CA ALA A 362 24.92 7.39 -10.07
C ALA A 362 25.38 6.59 -8.86
N MET A 363 24.60 6.66 -7.78
CA MET A 363 24.92 5.93 -6.55
C MET A 363 24.95 4.43 -6.81
N ALA A 364 23.99 3.94 -7.59
CA ALA A 364 23.93 2.53 -7.95
C ALA A 364 25.22 2.09 -8.62
N ARG A 365 25.70 2.90 -9.56
CA ARG A 365 26.93 2.62 -10.27
C ARG A 365 28.10 2.54 -9.27
N HIS A 366 28.14 3.50 -8.35
CA HIS A 366 29.25 3.59 -7.41
C HIS A 366 29.31 2.39 -6.47
N PHE A 367 28.16 2.01 -5.92
CA PHE A 367 28.11 0.88 -5.00
C PHE A 367 28.34 -0.45 -5.71
N HIS A 368 27.98 -0.50 -6.99
CA HIS A 368 28.27 -1.68 -7.80
C HIS A 368 29.76 -1.78 -8.04
N LEU A 369 30.39 -0.63 -8.27
CA LEU A 369 31.83 -0.53 -8.43
C LEU A 369 32.55 -1.05 -7.19
N LEU A 370 32.04 -0.69 -6.03
CA LEU A 370 32.70 -1.00 -4.76
C LEU A 370 32.41 -2.41 -4.25
N PHE A 371 31.13 -2.79 -4.25
CA PHE A 371 30.72 -4.08 -3.70
C PHE A 371 29.77 -4.81 -4.65
N PRO A 372 30.31 -5.38 -5.72
CA PRO A 372 29.51 -6.05 -6.75
C PRO A 372 28.87 -7.34 -6.24
N SER A 373 29.49 -7.97 -5.25
CA SER A 373 28.98 -9.22 -4.70
C SER A 373 27.69 -9.01 -3.91
N GLN A 374 27.45 -7.77 -3.49
CA GLN A 374 26.29 -7.45 -2.68
C GLN A 374 25.25 -6.65 -3.46
N ILE A 375 25.65 -6.16 -4.63
CA ILE A 375 24.76 -5.40 -5.49
C ILE A 375 24.80 -5.96 -6.92
N PRO A 376 24.48 -7.27 -7.07
CA PRO A 376 24.57 -7.93 -8.36
C PRO A 376 23.93 -7.09 -9.45
N GLU A 377 22.61 -6.93 -9.37
CA GLU A 377 21.92 -5.97 -10.22
C GLU A 377 21.92 -4.62 -9.54
N PRO A 378 22.56 -3.63 -10.16
CA PRO A 378 22.65 -2.28 -9.59
C PRO A 378 21.40 -1.46 -9.88
N ALA A 379 20.53 -1.99 -10.74
CA ALA A 379 19.26 -1.34 -11.03
C ALA A 379 18.43 -1.28 -9.75
N VAL A 380 18.54 -2.32 -8.94
CA VAL A 380 17.83 -2.39 -7.66
C VAL A 380 18.06 -1.12 -6.84
N MET A 381 19.31 -0.68 -6.79
CA MET A 381 19.67 0.52 -6.03
C MET A 381 19.08 1.78 -6.66
N ALA A 382 19.00 1.80 -7.99
CA ALA A 382 18.42 2.94 -8.68
C ALA A 382 16.94 3.03 -8.35
N ILE A 383 16.24 1.91 -8.50
CA ILE A 383 14.82 1.82 -8.17
C ILE A 383 14.55 2.26 -6.74
N ALA A 384 15.38 1.83 -5.80
CA ALA A 384 15.18 2.11 -4.40
C ALA A 384 15.18 3.61 -4.09
N GLY A 385 16.26 4.30 -4.49
CA GLY A 385 16.40 5.71 -4.19
C GLY A 385 15.58 6.62 -5.07
N MET A 386 14.69 6.03 -5.87
CA MET A 386 13.89 6.77 -6.83
C MET A 386 12.84 7.66 -6.14
N GLY A 387 12.28 7.18 -5.04
CA GLY A 387 11.29 7.94 -4.31
C GLY A 387 11.81 8.46 -2.98
N ALA A 388 13.11 8.36 -2.78
CA ALA A 388 13.72 8.72 -1.49
C ALA A 388 13.66 10.21 -1.21
N LEU A 389 13.85 11.02 -2.25
CA LEU A 389 13.80 12.48 -2.12
C LEU A 389 12.39 12.91 -1.71
N VAL A 390 11.39 12.28 -2.32
CA VAL A 390 10.00 12.56 -1.98
C VAL A 390 9.71 12.20 -0.53
N ALA A 391 10.22 11.06 -0.09
CA ALA A 391 9.98 10.59 1.27
C ALA A 391 10.62 11.50 2.32
N ALA A 392 11.72 12.16 1.94
CA ALA A 392 12.43 13.04 2.85
C ALA A 392 11.77 14.41 2.94
N THR A 393 11.57 15.05 1.80
CA THR A 393 10.97 16.38 1.75
C THR A 393 9.51 16.39 2.20
N VAL A 394 8.82 15.27 1.99
CA VAL A 394 7.38 15.24 2.23
C VAL A 394 6.99 14.61 3.57
N ARG A 395 7.86 13.76 4.13
CA ARG A 395 7.55 13.03 5.35
C ARG A 395 6.62 11.85 5.05
N ALA A 396 6.41 11.57 3.78
CA ALA A 396 5.49 10.50 3.38
C ALA A 396 6.20 9.33 2.69
N PRO A 397 6.90 8.49 3.48
CA PRO A 397 7.63 7.34 2.93
C PRO A 397 6.72 6.26 2.37
N LEU A 398 5.64 5.94 3.08
CA LEU A 398 4.73 4.89 2.65
C LEU A 398 4.21 5.11 1.23
N THR A 399 3.86 6.35 0.90
CA THR A 399 3.36 6.66 -0.44
C THR A 399 4.48 6.70 -1.47
N ALA A 400 5.64 7.20 -1.06
CA ALA A 400 6.82 7.21 -1.93
C ALA A 400 7.17 5.78 -2.35
N ILE A 401 7.12 4.87 -1.39
CA ILE A 401 7.33 3.45 -1.65
C ILE A 401 6.35 2.94 -2.70
N LEU A 402 5.06 3.01 -2.39
CA LEU A 402 4.03 2.53 -3.29
C LEU A 402 4.16 3.13 -4.69
N LEU A 403 4.50 4.41 -4.76
CA LEU A 403 4.67 5.09 -6.03
C LEU A 403 5.69 4.35 -6.91
N THR A 404 6.87 4.11 -6.36
CA THR A 404 7.94 3.48 -7.14
C THR A 404 7.56 2.06 -7.56
N ILE A 405 6.98 1.30 -6.63
CA ILE A 405 6.52 -0.04 -6.96
C ILE A 405 5.53 0.01 -8.11
N GLU A 406 4.60 0.96 -8.04
CA GLU A 406 3.53 1.04 -9.03
C GLU A 406 4.01 1.47 -10.41
N MET A 407 5.13 2.19 -10.45
CA MET A 407 5.63 2.68 -11.73
C MET A 407 6.87 1.92 -12.20
N THR A 408 7.10 0.75 -11.62
CA THR A 408 8.16 -0.15 -12.09
C THR A 408 7.66 -1.60 -12.12
N ASP A 409 6.48 -1.83 -11.56
CA ASP A 409 5.92 -3.17 -11.49
C ASP A 409 6.80 -4.09 -10.67
N ASN A 410 7.78 -3.50 -9.99
CA ASN A 410 8.78 -4.27 -9.26
C ASN A 410 8.57 -4.25 -7.75
N TYR A 411 8.16 -5.38 -7.19
CA TYR A 411 7.98 -5.50 -5.76
C TYR A 411 9.19 -6.16 -5.09
N PHE A 412 10.02 -6.83 -5.89
CA PHE A 412 11.19 -7.51 -5.36
C PHE A 412 12.13 -6.56 -4.63
N VAL A 413 12.06 -5.28 -4.97
CA VAL A 413 12.97 -4.27 -4.44
C VAL A 413 12.45 -3.64 -3.15
N ILE A 414 11.50 -4.29 -2.49
CA ILE A 414 10.80 -3.69 -1.36
C ILE A 414 11.68 -3.39 -0.13
N LEU A 415 12.48 -4.35 0.32
CA LEU A 415 13.30 -4.13 1.50
C LEU A 415 14.24 -2.93 1.36
N PRO A 416 15.03 -2.89 0.27
CA PRO A 416 15.82 -1.69 0.04
C PRO A 416 14.91 -0.46 0.02
N LEU A 417 13.89 -0.50 -0.83
CA LEU A 417 12.90 0.57 -0.93
C LEU A 417 12.48 1.09 0.44
N LEU A 418 11.92 0.21 1.26
CA LEU A 418 11.49 0.56 2.61
C LEU A 418 12.59 1.27 3.39
N VAL A 419 13.71 0.58 3.58
CA VAL A 419 14.81 1.14 4.35
C VAL A 419 15.27 2.49 3.81
N THR A 420 15.67 2.53 2.55
CA THR A 420 16.21 3.76 1.97
C THR A 420 15.26 4.95 2.07
N CYS A 421 13.96 4.70 1.92
CA CYS A 421 12.98 5.78 1.93
C CYS A 421 12.71 6.30 3.33
N LEU A 422 12.35 5.41 4.25
CA LEU A 422 11.97 5.84 5.58
C LEU A 422 13.18 6.31 6.40
N VAL A 423 14.36 5.78 6.11
CA VAL A 423 15.58 6.28 6.71
C VAL A 423 15.82 7.71 6.23
N ALA A 424 15.54 7.95 4.95
CA ALA A 424 15.72 9.27 4.36
C ALA A 424 14.69 10.25 4.94
N SER A 425 13.51 9.74 5.24
CA SER A 425 12.45 10.54 5.85
C SER A 425 12.86 10.96 7.26
N VAL A 426 13.40 10.00 8.03
CA VAL A 426 13.86 10.26 9.38
C VAL A 426 15.01 11.27 9.43
N VAL A 427 16.07 10.98 8.69
CA VAL A 427 17.25 11.85 8.65
C VAL A 427 16.89 13.30 8.34
N ALA A 428 15.96 13.49 7.41
CA ALA A 428 15.52 14.83 7.01
C ALA A 428 14.85 15.55 8.18
N GLU A 429 13.86 14.88 8.79
CA GLU A 429 13.18 15.45 9.95
C GLU A 429 13.93 15.14 11.25
N ALA A 430 15.24 15.01 11.12
CA ALA A 430 16.13 14.90 12.28
C ALA A 430 17.10 16.07 12.22
N LEU A 431 17.26 16.62 11.02
CA LEU A 431 18.01 17.85 10.84
C LEU A 431 17.04 19.02 10.97
N GLY A 432 15.77 18.70 11.18
CA GLY A 432 14.72 19.70 11.30
C GLY A 432 14.34 20.29 9.95
N GLY A 433 13.64 19.50 9.15
CA GLY A 433 13.29 19.91 7.80
C GLY A 433 11.85 20.38 7.67
N LYS A 434 10.94 19.72 8.38
CA LYS A 434 9.51 20.02 8.31
C LYS A 434 8.92 19.65 6.94
N PRO A 435 7.78 18.96 6.96
CA PRO A 435 7.09 18.54 5.73
C PRO A 435 6.92 19.71 4.75
N ILE A 436 7.40 19.53 3.53
CA ILE A 436 7.39 20.60 2.52
C ILE A 436 5.97 21.07 2.22
N TYR A 437 5.00 20.18 2.40
CA TYR A 437 3.61 20.51 2.09
C TYR A 437 2.92 21.30 3.20
N THR A 438 3.13 20.88 4.45
CA THR A 438 2.55 21.59 5.58
C THR A 438 3.14 22.99 5.69
N VAL A 439 4.39 23.13 5.29
CA VAL A 439 5.05 24.44 5.27
C VAL A 439 4.54 25.26 4.09
N LEU A 440 4.39 24.62 2.94
CA LEU A 440 3.87 25.29 1.76
C LEU A 440 2.44 25.76 2.00
N LEU A 441 1.74 25.04 2.89
CA LEU A 441 0.36 25.37 3.24
C LEU A 441 0.33 26.53 4.23
N GLU A 442 1.27 26.51 5.18
CA GLU A 442 1.42 27.61 6.12
C GLU A 442 1.64 28.92 5.37
N ARG A 443 2.43 28.87 4.31
CA ARG A 443 2.75 30.07 3.53
C ARG A 443 1.53 30.55 2.74
N THR A 444 0.81 29.63 2.12
CA THR A 444 -0.37 29.99 1.35
C THR A 444 -1.46 30.54 2.27
N LEU A 445 -1.49 30.05 3.50
CA LEU A 445 -2.41 30.58 4.51
C LEU A 445 -1.98 31.99 4.90
N ALA A 446 -0.66 32.20 4.97
CA ALA A 446 -0.10 33.51 5.28
C ALA A 446 -0.50 34.52 4.22
N LYS A 447 -1.07 34.03 3.11
CA LYS A 447 -1.64 34.90 2.10
C LYS A 447 -3.15 35.05 2.31
N GLN A 448 -3.56 35.24 3.55
CA GLN A 448 -4.96 35.52 3.84
C GLN A 448 -5.26 36.99 3.53
N ASN A 449 -4.95 37.35 2.29
CA ASN A 449 -5.07 38.71 1.76
C ASN A 449 -4.34 38.75 0.41
N ARG A 450 -3.69 37.64 0.08
CA ARG A 450 -3.00 37.44 -1.20
C ARG A 450 -2.56 38.74 -1.88
N SER B 26 7.22 14.76 12.02
CA SER B 26 6.87 15.17 13.37
C SER B 26 7.22 14.08 14.38
N LEU B 27 8.09 13.16 13.97
CA LEU B 27 8.40 11.95 14.74
C LEU B 27 9.45 12.13 15.83
N HIS B 28 9.57 11.10 16.67
CA HIS B 28 10.40 11.14 17.87
C HIS B 28 11.23 9.87 18.03
N PRO B 29 12.57 10.03 18.05
CA PRO B 29 13.59 8.97 18.03
C PRO B 29 13.35 7.81 19.01
N ARG B 30 13.30 8.07 20.31
CA ARG B 30 13.19 7.02 21.31
C ARG B 30 12.14 5.96 20.96
N THR B 31 11.06 6.39 20.31
CA THR B 31 9.98 5.50 19.94
C THR B 31 10.30 4.70 18.67
N LEU B 32 11.07 5.31 17.78
CA LEU B 32 11.48 4.65 16.54
C LEU B 32 12.42 3.49 16.83
N VAL B 33 13.42 3.73 17.69
CA VAL B 33 14.34 2.67 18.08
C VAL B 33 13.60 1.57 18.83
N ALA B 34 12.56 1.96 19.57
CA ALA B 34 11.71 1.01 20.27
C ALA B 34 11.03 0.09 19.27
N ALA B 35 10.56 0.67 18.17
CA ALA B 35 9.93 -0.10 17.10
C ALA B 35 10.92 -1.08 16.50
N ILE B 36 12.13 -0.60 16.23
CA ILE B 36 13.21 -1.46 15.75
C ILE B 36 13.32 -2.70 16.63
N VAL B 37 13.19 -2.49 17.94
CA VAL B 37 13.26 -3.59 18.89
C VAL B 37 12.03 -4.48 18.83
N VAL B 38 10.85 -3.86 18.85
CA VAL B 38 9.60 -4.60 18.75
C VAL B 38 9.62 -5.54 17.55
N GLY B 39 9.63 -4.96 16.35
CA GLY B 39 9.65 -5.73 15.12
C GLY B 39 10.73 -6.79 15.11
N LEU B 40 11.88 -6.47 15.70
CA LEU B 40 13.00 -7.40 15.79
C LEU B 40 12.61 -8.65 16.59
N ILE B 41 12.01 -8.43 17.76
CA ILE B 41 11.62 -9.54 18.64
C ILE B 41 10.53 -10.40 18.02
N THR B 42 9.40 -9.77 17.65
CA THR B 42 8.29 -10.50 17.04
C THR B 42 8.76 -11.21 15.76
N GLY B 43 9.72 -10.61 15.07
CA GLY B 43 10.30 -11.24 13.90
C GLY B 43 10.89 -12.59 14.24
N VAL B 44 11.81 -12.61 15.19
CA VAL B 44 12.44 -13.85 15.63
C VAL B 44 11.41 -14.86 16.11
N LEU B 45 10.48 -14.41 16.94
CA LEU B 45 9.44 -15.29 17.49
C LEU B 45 8.54 -15.85 16.39
N GLY B 46 7.95 -14.95 15.60
CA GLY B 46 7.07 -15.37 14.52
C GLY B 46 7.73 -16.39 13.61
N ALA B 47 8.97 -16.13 13.25
CA ALA B 47 9.71 -17.03 12.37
C ALA B 47 9.94 -18.39 13.02
N GLY B 48 10.49 -18.37 14.23
CA GLY B 48 10.71 -19.60 14.97
C GLY B 48 9.41 -20.35 15.23
N PHE B 49 8.34 -19.59 15.48
CA PHE B 49 7.03 -20.18 15.72
C PHE B 49 6.56 -20.97 14.49
N LYS B 50 6.60 -20.34 13.32
CA LYS B 50 6.22 -21.00 12.08
C LYS B 50 7.08 -22.23 11.83
N SER B 51 8.39 -22.08 11.98
CA SER B 51 9.30 -23.19 11.78
C SER B 51 8.95 -24.35 12.72
N ALA B 52 8.71 -24.00 13.98
CA ALA B 52 8.33 -25.00 14.99
C ALA B 52 7.05 -25.73 14.61
N VAL B 53 6.05 -24.98 14.16
CA VAL B 53 4.77 -25.57 13.80
C VAL B 53 4.91 -26.51 12.62
N ASN B 54 5.69 -26.11 11.63
CA ASN B 54 5.91 -26.91 10.44
C ASN B 54 6.65 -28.21 10.74
N ASN B 55 7.63 -28.13 11.65
CA ASN B 55 8.34 -29.32 12.10
C ASN B 55 7.38 -30.33 12.72
N MET B 56 6.49 -29.83 13.56
CA MET B 56 5.51 -30.68 14.21
C MET B 56 4.56 -31.28 13.17
N LEU B 57 4.17 -30.45 12.20
CA LEU B 57 3.25 -30.88 11.15
C LEU B 57 3.80 -32.06 10.36
N GLN B 58 5.02 -31.94 9.88
CA GLN B 58 5.61 -32.98 9.06
C GLN B 58 6.02 -34.18 9.90
N TRP B 59 6.33 -33.95 11.17
CA TRP B 59 6.68 -35.03 12.08
C TRP B 59 5.50 -35.97 12.29
N ARG B 60 4.30 -35.40 12.37
CA ARG B 60 3.09 -36.20 12.51
C ARG B 60 2.76 -36.86 11.17
N SER B 61 3.23 -36.26 10.10
CA SER B 61 2.99 -36.78 8.76
C SER B 61 3.93 -37.95 8.46
N GLN B 62 5.14 -37.86 8.97
CA GLN B 62 6.12 -38.93 8.79
C GLN B 62 5.85 -40.10 9.73
N LEU B 63 5.27 -39.79 10.89
CA LEU B 63 4.88 -40.82 11.85
C LEU B 63 3.77 -41.67 11.26
N ALA B 64 2.90 -41.03 10.49
CA ALA B 64 1.76 -41.71 9.89
C ALA B 64 2.19 -42.64 8.76
N GLN B 65 3.37 -42.39 8.20
CA GLN B 65 3.88 -43.22 7.10
C GLN B 65 4.72 -44.39 7.59
N ILE B 66 5.47 -44.17 8.67
CA ILE B 66 6.22 -45.25 9.30
C ILE B 66 5.27 -46.37 9.71
N LEU B 67 4.11 -45.99 10.24
CA LEU B 67 3.14 -46.95 10.72
C LEU B 67 2.14 -47.31 9.62
N ALA B 68 2.17 -46.54 8.53
CA ALA B 68 1.25 -46.72 7.41
C ALA B 68 1.15 -48.18 6.92
N PRO B 69 2.30 -48.85 6.74
CA PRO B 69 2.28 -50.20 6.17
C PRO B 69 1.30 -51.14 6.86
N ILE B 70 1.25 -51.12 8.19
CA ILE B 70 0.40 -52.07 8.89
C ILE B 70 -0.14 -51.58 10.24
N PRO B 71 -1.45 -51.33 10.31
CA PRO B 71 -2.34 -51.15 9.16
C PRO B 71 -3.11 -49.82 9.33
N PRO B 72 -4.35 -49.84 9.87
CA PRO B 72 -4.79 -48.53 10.36
C PRO B 72 -4.34 -48.31 11.80
N LEU B 73 -3.20 -48.87 12.18
CA LEU B 73 -2.63 -48.63 13.49
C LEU B 73 -2.34 -47.14 13.61
N ALA B 74 -1.78 -46.58 12.54
CA ALA B 74 -1.46 -45.16 12.48
C ALA B 74 -2.71 -44.31 12.63
N TRP B 75 -3.84 -44.82 12.14
CA TRP B 75 -5.12 -44.15 12.28
C TRP B 75 -5.39 -43.80 13.74
N LEU B 76 -5.11 -44.74 14.62
CA LEU B 76 -5.32 -44.54 16.05
C LEU B 76 -4.26 -43.62 16.64
N VAL B 77 -3.01 -43.79 16.20
CA VAL B 77 -1.90 -43.02 16.73
C VAL B 77 -1.99 -41.55 16.39
N THR B 78 -2.23 -41.25 15.11
CA THR B 78 -2.34 -39.87 14.66
C THR B 78 -3.58 -39.20 15.24
N ALA B 79 -4.60 -39.99 15.52
CA ALA B 79 -5.82 -39.49 16.12
C ALA B 79 -5.57 -39.02 17.55
N LEU B 80 -4.81 -39.82 18.29
CA LEU B 80 -4.48 -39.49 19.67
C LEU B 80 -3.61 -38.24 19.76
N ILE B 81 -2.48 -38.26 19.07
CA ILE B 81 -1.55 -37.12 19.10
C ILE B 81 -2.24 -35.81 18.78
N SER B 82 -3.02 -35.80 17.70
CA SER B 82 -3.74 -34.59 17.29
C SER B 82 -4.79 -34.20 18.32
N GLY B 83 -5.61 -35.16 18.73
CA GLY B 83 -6.64 -34.90 19.72
C GLY B 83 -6.07 -34.47 21.05
N GLY B 84 -4.97 -35.08 21.45
CA GLY B 84 -4.32 -34.76 22.71
C GLY B 84 -3.78 -33.35 22.72
N MET B 85 -3.05 -32.99 21.66
CA MET B 85 -2.49 -31.66 21.52
C MET B 85 -3.56 -30.58 21.60
N VAL B 86 -4.60 -30.72 20.78
CA VAL B 86 -5.68 -29.75 20.73
C VAL B 86 -6.34 -29.60 22.10
N ALA B 87 -6.60 -30.73 22.74
CA ALA B 87 -7.19 -30.72 24.08
C ALA B 87 -6.26 -30.01 25.06
N LEU B 88 -5.00 -30.46 25.09
CA LEU B 88 -3.99 -29.86 25.95
C LEU B 88 -3.92 -28.36 25.69
N SER B 89 -4.20 -27.98 24.45
CA SER B 89 -4.20 -26.56 24.06
C SER B 89 -5.38 -25.84 24.70
N PHE B 90 -6.57 -26.41 24.55
CA PHE B 90 -7.77 -25.82 25.13
C PHE B 90 -7.64 -25.67 26.64
N TRP B 91 -6.96 -26.61 27.27
CA TRP B 91 -6.75 -26.56 28.71
C TRP B 91 -5.81 -25.41 29.09
N LEU B 92 -4.67 -25.34 28.41
CA LEU B 92 -3.70 -24.26 28.64
C LEU B 92 -4.31 -22.88 28.40
N MET B 93 -5.44 -22.85 27.70
CA MET B 93 -6.12 -21.59 27.43
C MET B 93 -6.77 -21.07 28.71
N LYS B 94 -7.73 -21.85 29.22
CA LYS B 94 -8.37 -21.55 30.50
C LYS B 94 -8.27 -22.78 31.39
N ARG B 95 -7.78 -22.60 32.62
CA ARG B 95 -7.38 -21.31 33.15
C ARG B 95 -5.91 -21.00 32.86
N PHE B 96 -5.65 -19.78 32.40
CA PHE B 96 -4.31 -19.26 32.17
C PHE B 96 -4.37 -17.95 31.37
N ALA B 97 -5.20 -17.94 30.34
CA ALA B 97 -5.40 -16.75 29.52
C ALA B 97 -6.41 -17.00 28.40
N PRO B 98 -7.69 -17.10 28.77
CA PRO B 98 -8.77 -17.28 27.78
C PRO B 98 -8.80 -16.11 26.80
N ASP B 99 -8.00 -15.09 27.08
CA ASP B 99 -7.89 -13.92 26.21
C ASP B 99 -7.25 -14.29 24.87
N THR B 100 -6.51 -15.40 24.87
CA THR B 100 -5.77 -15.82 23.68
C THR B 100 -6.63 -16.65 22.73
N SER B 101 -7.91 -16.79 23.05
CA SER B 101 -8.82 -17.59 22.24
C SER B 101 -9.11 -16.92 20.91
N GLY B 102 -9.04 -17.70 19.83
CA GLY B 102 -9.40 -17.22 18.51
C GLY B 102 -8.29 -16.49 17.77
N SER B 103 -8.66 -15.40 17.11
CA SER B 103 -7.75 -14.62 16.30
C SER B 103 -6.72 -13.88 17.15
N GLY B 104 -6.84 -12.55 17.16
CA GLY B 104 -5.91 -11.71 17.89
C GLY B 104 -6.18 -10.27 17.51
N ILE B 105 -6.72 -10.08 16.30
CA ILE B 105 -7.13 -8.75 15.85
C ILE B 105 -8.14 -8.14 16.82
N PRO B 106 -9.15 -8.92 17.23
CA PRO B 106 -10.16 -8.40 18.16
C PRO B 106 -9.55 -7.95 19.48
N GLN B 107 -8.73 -8.82 20.09
CA GLN B 107 -8.14 -8.54 21.39
C GLN B 107 -7.23 -7.32 21.39
N ILE B 108 -6.49 -7.12 20.30
CA ILE B 108 -5.62 -5.95 20.18
C ILE B 108 -6.39 -4.73 19.69
N GLU B 109 -7.35 -4.95 18.80
CA GLU B 109 -8.19 -3.86 18.32
C GLU B 109 -8.97 -3.28 19.49
N GLY B 110 -9.36 -4.14 20.42
CA GLY B 110 -10.09 -3.74 21.60
C GLY B 110 -9.23 -2.97 22.58
N HIS B 111 -8.17 -3.60 23.04
CA HIS B 111 -7.23 -2.98 23.99
C HIS B 111 -6.82 -1.60 23.50
N LEU B 112 -6.41 -1.54 22.23
CA LEU B 112 -5.96 -0.29 21.62
C LEU B 112 -7.02 0.78 21.67
N GLU B 113 -8.27 0.38 21.91
CA GLU B 113 -9.40 1.29 21.83
C GLU B 113 -9.97 1.64 23.21
N GLY B 114 -9.61 0.86 24.22
CA GLY B 114 -10.08 1.10 25.58
C GLY B 114 -10.58 -0.14 26.27
N LYS B 115 -11.66 -0.71 25.75
CA LYS B 115 -12.22 -1.93 26.32
C LYS B 115 -11.20 -3.06 26.26
N LEU B 116 -11.32 -4.00 27.19
CA LEU B 116 -10.49 -5.21 27.17
C LEU B 116 -9.01 -4.90 27.45
N PRO B 117 -8.42 -5.65 28.40
CA PRO B 117 -7.02 -5.46 28.79
C PRO B 117 -6.06 -6.37 28.01
N LEU B 118 -4.77 -6.10 28.13
CA LEU B 118 -3.74 -6.92 27.51
C LEU B 118 -2.54 -7.07 28.45
N VAL B 119 -2.30 -8.28 28.93
CA VAL B 119 -1.16 -8.54 29.80
C VAL B 119 -0.18 -9.53 29.15
N TRP B 120 1.01 -9.06 28.82
CA TRP B 120 1.94 -9.85 28.01
C TRP B 120 2.43 -11.11 28.72
N GLN B 121 2.60 -11.04 30.03
CA GLN B 121 3.09 -12.19 30.80
C GLN B 121 2.15 -13.40 30.70
N ARG B 122 0.90 -13.17 30.31
CA ARG B 122 -0.04 -14.26 30.14
C ARG B 122 -0.22 -14.63 28.67
N VAL B 123 -0.43 -13.62 27.83
CA VAL B 123 -0.64 -13.84 26.40
C VAL B 123 0.58 -14.49 25.74
N LEU B 124 1.72 -13.82 25.84
CA LEU B 124 2.94 -14.27 25.19
C LEU B 124 3.18 -15.79 25.30
N PRO B 125 3.30 -16.31 26.53
CA PRO B 125 3.64 -17.73 26.67
C PRO B 125 2.47 -18.67 26.34
N ILE B 126 1.25 -18.29 26.72
CA ILE B 126 0.08 -19.14 26.47
C ILE B 126 -0.28 -19.19 24.99
N LYS B 127 -0.26 -18.03 24.33
CA LYS B 127 -0.55 -17.96 22.91
C LYS B 127 0.48 -18.78 22.12
N LEU B 128 1.73 -18.73 22.57
CA LEU B 128 2.81 -19.45 21.90
C LEU B 128 2.69 -20.95 22.12
N VAL B 129 2.87 -21.39 23.36
CA VAL B 129 2.78 -22.81 23.66
C VAL B 129 1.44 -23.40 23.26
N GLY B 130 0.37 -22.65 23.53
CA GLY B 130 -0.97 -23.09 23.17
C GLY B 130 -1.17 -23.10 21.67
N GLY B 131 -0.80 -22.01 21.01
CA GLY B 131 -0.93 -21.90 19.57
C GLY B 131 -0.15 -22.97 18.85
N PHE B 132 1.03 -23.28 19.36
CA PHE B 132 1.85 -24.35 18.80
C PHE B 132 1.08 -25.66 18.79
N LEU B 133 0.48 -26.01 19.93
CA LEU B 133 -0.26 -27.25 20.05
C LEU B 133 -1.42 -27.31 19.07
N SER B 134 -2.16 -26.22 18.97
CA SER B 134 -3.33 -26.16 18.10
C SER B 134 -2.95 -26.33 16.64
N LEU B 135 -2.11 -25.42 16.14
CA LEU B 135 -1.69 -25.45 14.75
C LEU B 135 -0.91 -26.71 14.41
N GLY B 136 0.04 -27.06 15.28
CA GLY B 136 0.87 -28.23 15.08
C GLY B 136 0.07 -29.52 14.97
N ALA B 137 -1.14 -29.50 15.51
CA ALA B 137 -2.00 -30.68 15.49
C ALA B 137 -2.78 -30.75 14.18
N GLY B 138 -2.70 -29.68 13.39
CA GLY B 138 -3.34 -29.66 12.08
C GLY B 138 -4.65 -28.89 12.06
N MET B 139 -4.82 -28.01 13.03
CA MET B 139 -6.03 -27.18 13.09
C MET B 139 -6.13 -26.25 11.90
N LEU B 140 -7.34 -25.86 11.54
CA LEU B 140 -7.54 -24.98 10.40
C LEU B 140 -7.25 -23.52 10.77
N ALA B 141 -6.01 -23.30 11.19
CA ALA B 141 -5.47 -21.97 11.47
C ALA B 141 -3.97 -22.12 11.24
N GLY B 142 -3.23 -21.02 11.10
CA GLY B 142 -3.73 -19.67 11.27
C GLY B 142 -2.62 -18.87 11.93
N PHE B 143 -1.46 -18.87 11.30
CA PHE B 143 -0.25 -18.27 11.87
C PHE B 143 -0.44 -16.83 12.35
N GLU B 144 -1.06 -16.00 11.52
CA GLU B 144 -1.26 -14.60 11.87
C GLU B 144 -2.03 -14.48 13.19
N GLY B 145 -2.79 -15.50 13.54
CA GLY B 145 -3.51 -15.52 14.81
C GLY B 145 -2.57 -15.27 15.98
N PRO B 146 -1.74 -16.27 16.30
CA PRO B 146 -0.71 -16.17 17.34
C PRO B 146 0.26 -15.00 17.11
N THR B 147 0.86 -14.94 15.93
CA THR B 147 1.92 -13.95 15.67
C THR B 147 1.45 -12.50 15.80
N ILE B 148 0.16 -12.26 15.62
CA ILE B 148 -0.37 -10.90 15.75
C ILE B 148 -0.57 -10.48 17.20
N GLN B 149 -1.07 -11.40 18.02
CA GLN B 149 -1.23 -11.12 19.45
C GLN B 149 0.14 -11.13 20.13
N MET B 150 0.96 -12.13 19.83
CA MET B 150 2.32 -12.19 20.36
C MET B 150 3.07 -10.93 19.97
N GLY B 151 2.72 -10.37 18.81
CA GLY B 151 3.31 -9.12 18.37
C GLY B 151 2.93 -8.00 19.31
N GLY B 152 1.63 -7.83 19.53
CA GLY B 152 1.14 -6.79 20.43
C GLY B 152 1.72 -6.93 21.82
N SER B 153 1.82 -8.17 22.30
CA SER B 153 2.40 -8.44 23.61
C SER B 153 3.83 -7.91 23.68
N ILE B 154 4.66 -8.32 22.72
CA ILE B 154 6.03 -7.86 22.66
C ILE B 154 6.10 -6.34 22.55
N GLY B 155 5.19 -5.77 21.77
CA GLY B 155 5.10 -4.32 21.63
C GLY B 155 4.86 -3.66 22.96
N GLN B 156 4.03 -4.29 23.79
CA GLN B 156 3.74 -3.79 25.12
C GLN B 156 4.87 -4.11 26.09
N MET B 157 5.39 -5.33 25.99
CA MET B 157 6.46 -5.77 26.88
C MET B 157 7.71 -4.93 26.75
N THR B 158 7.96 -4.43 25.54
CA THR B 158 9.11 -3.56 25.30
C THR B 158 8.71 -2.11 25.52
N GLY B 159 7.40 -1.86 25.52
CA GLY B 159 6.89 -0.53 25.81
C GLY B 159 7.20 -0.14 27.24
N GLY B 160 7.10 -1.11 28.14
CA GLY B 160 7.42 -0.89 29.54
C GLY B 160 8.92 -0.77 29.77
N TRP B 161 9.67 -1.70 29.19
CA TRP B 161 11.13 -1.68 29.28
C TRP B 161 11.68 -0.32 28.87
N PHE B 162 11.01 0.31 27.91
CA PHE B 162 11.44 1.61 27.39
C PHE B 162 10.79 2.78 28.13
N LYS B 163 10.00 2.47 29.15
CA LYS B 163 9.27 3.51 29.89
C LYS B 163 8.60 4.47 28.92
N ALA B 164 7.89 3.93 27.95
CA ALA B 164 7.20 4.74 26.95
C ALA B 164 6.00 5.45 27.54
N THR B 165 5.68 6.62 26.99
CA THR B 165 4.51 7.38 27.43
C THR B 165 3.23 6.59 27.14
N GLN B 166 2.08 7.17 27.47
CA GLN B 166 0.80 6.51 27.28
C GLN B 166 0.53 6.23 25.80
N GLU B 167 0.53 7.29 24.99
CA GLU B 167 0.29 7.14 23.56
C GLU B 167 1.33 6.27 22.89
N ASN B 168 2.60 6.55 23.16
CA ASN B 168 3.71 5.82 22.55
C ASN B 168 3.59 4.30 22.75
N GLN B 169 3.04 3.90 23.89
CA GLN B 169 2.88 2.48 24.16
C GLN B 169 1.79 1.86 23.28
N ARG B 170 0.76 2.63 22.96
CA ARG B 170 -0.28 2.15 22.06
C ARG B 170 0.36 1.87 20.71
N ILE B 171 1.15 2.82 20.24
CA ILE B 171 1.88 2.69 18.99
C ILE B 171 2.72 1.42 18.97
N LEU B 172 3.56 1.24 19.99
CA LEU B 172 4.40 0.07 20.08
C LEU B 172 3.59 -1.22 20.00
N ILE B 173 2.41 -1.22 20.61
CA ILE B 173 1.52 -2.37 20.54
C ILE B 173 0.98 -2.55 19.12
N ALA B 174 0.64 -1.44 18.49
CA ALA B 174 0.17 -1.47 17.11
C ALA B 174 1.26 -1.99 16.19
N VAL B 175 2.48 -1.50 16.40
CA VAL B 175 3.64 -1.96 15.63
C VAL B 175 3.77 -3.47 15.73
N GLY B 176 3.77 -3.98 16.97
CA GLY B 176 3.84 -5.41 17.19
C GLY B 176 2.76 -6.14 16.41
N ALA B 177 1.55 -5.63 16.47
CA ALA B 177 0.43 -6.23 15.76
C ALA B 177 0.73 -6.30 14.26
N GLY B 178 1.21 -5.20 13.71
CA GLY B 178 1.56 -5.13 12.29
C GLY B 178 2.70 -6.07 11.95
N ALA B 179 3.79 -5.96 12.72
CA ALA B 179 4.95 -6.83 12.53
C ALA B 179 4.54 -8.30 12.58
N GLY B 180 3.53 -8.59 13.40
CA GLY B 180 3.02 -9.95 13.53
C GLY B 180 2.49 -10.51 12.23
N LEU B 181 1.73 -9.68 11.50
CA LEU B 181 1.16 -10.09 10.22
C LEU B 181 2.26 -10.19 9.17
N ALA B 182 3.15 -9.21 9.16
CA ALA B 182 4.26 -9.19 8.21
C ALA B 182 5.11 -10.45 8.32
N THR B 183 5.24 -10.96 9.54
CA THR B 183 6.07 -12.14 9.78
C THR B 183 5.39 -13.43 9.31
N ALA B 184 4.07 -13.43 9.31
CA ALA B 184 3.32 -14.62 8.94
C ALA B 184 3.27 -14.84 7.43
N PHE B 185 3.41 -13.77 6.66
CA PHE B 185 3.30 -13.85 5.21
C PHE B 185 4.46 -13.19 4.48
N ASN B 186 5.51 -12.84 5.22
CA ASN B 186 6.61 -12.09 4.64
C ASN B 186 6.06 -10.91 3.85
N ALA B 187 5.17 -10.16 4.49
CA ALA B 187 4.46 -9.07 3.82
C ALA B 187 4.42 -7.80 4.65
N PRO B 188 5.47 -6.97 4.54
CA PRO B 188 5.60 -5.72 5.29
C PRO B 188 4.40 -4.79 5.08
N LEU B 189 4.19 -4.34 3.85
CA LEU B 189 3.10 -3.42 3.54
C LEU B 189 1.74 -3.88 4.08
N ALA B 190 1.49 -5.19 4.03
CA ALA B 190 0.23 -5.74 4.52
C ALA B 190 0.05 -5.43 6.00
N GLY B 191 1.05 -5.80 6.80
CA GLY B 191 1.02 -5.53 8.22
C GLY B 191 0.75 -4.07 8.52
N VAL B 192 1.42 -3.17 7.79
CA VAL B 192 1.22 -1.75 7.94
C VAL B 192 -0.22 -1.36 7.64
N ALA B 193 -0.74 -1.85 6.51
CA ALA B 193 -2.09 -1.55 6.08
C ALA B 193 -3.13 -2.10 7.05
N LEU B 194 -2.81 -3.23 7.67
CA LEU B 194 -3.71 -3.84 8.64
C LEU B 194 -4.16 -2.83 9.68
N ILE B 195 -3.20 -2.31 10.44
CA ILE B 195 -3.48 -1.32 11.47
C ILE B 195 -4.23 -0.12 10.90
N GLY B 196 -3.84 0.31 9.71
CA GLY B 196 -4.44 1.47 9.07
C GLY B 196 -5.92 1.32 8.76
N GLU B 197 -6.24 0.40 7.86
CA GLU B 197 -7.62 0.18 7.43
C GLU B 197 -8.47 -0.43 8.53
N GLU B 198 -8.31 -1.73 8.75
CA GLU B 198 -9.01 -2.40 9.84
C GLU B 198 -8.34 -2.03 11.16
N MET B 199 -9.12 -1.97 12.24
CA MET B 199 -8.55 -1.65 13.54
C MET B 199 -8.03 -0.21 13.58
N HIS B 200 -8.74 0.70 12.93
CA HIS B 200 -8.30 2.09 12.86
C HIS B 200 -8.24 2.71 14.25
N PRO B 201 -7.02 2.97 14.76
CA PRO B 201 -6.80 3.51 16.09
C PRO B 201 -6.78 5.04 16.08
N ARG B 202 -6.44 5.65 17.21
CA ARG B 202 -6.45 7.11 17.30
C ARG B 202 -5.11 7.74 16.94
N PHE B 203 -4.12 7.60 17.82
CA PHE B 203 -2.81 8.22 17.63
C PHE B 203 -2.97 9.74 17.53
N ARG B 204 -2.82 10.43 18.66
CA ARG B 204 -3.22 11.82 18.77
C ARG B 204 -2.18 12.68 19.47
N SER B 205 -1.56 13.60 18.72
CA SER B 205 -1.82 13.74 17.30
C SER B 205 -0.71 13.06 16.49
N GLN B 206 0.10 12.26 17.17
CA GLN B 206 1.25 11.61 16.56
C GLN B 206 0.84 10.55 15.54
N THR B 207 0.27 11.01 14.42
CA THR B 207 -0.21 10.10 13.38
C THR B 207 0.99 9.49 12.65
N LEU B 208 2.18 10.04 12.90
CA LEU B 208 3.41 9.49 12.34
C LEU B 208 3.85 8.27 13.15
N ALA B 209 2.88 7.45 13.52
CA ALA B 209 3.12 6.10 14.00
C ALA B 209 3.32 5.22 12.77
N TYR B 210 3.07 5.81 11.60
CA TYR B 210 3.35 5.14 10.34
C TYR B 210 4.82 4.73 10.28
N HIS B 211 5.71 5.68 10.60
CA HIS B 211 7.13 5.38 10.64
C HIS B 211 7.41 4.23 11.58
N SER B 212 6.85 4.31 12.78
CA SER B 212 6.99 3.23 13.75
C SER B 212 6.54 1.90 13.15
N LEU B 213 5.40 1.94 12.45
CA LEU B 213 4.88 0.75 11.78
C LEU B 213 5.85 0.20 10.74
N LEU B 214 6.20 1.04 9.78
CA LEU B 214 7.12 0.64 8.72
C LEU B 214 8.39 0.06 9.31
N PHE B 215 9.01 0.80 10.23
CA PHE B 215 10.21 0.32 10.93
C PHE B 215 9.99 -1.07 11.51
N GLY B 216 8.93 -1.21 12.30
CA GLY B 216 8.61 -2.47 12.94
C GLY B 216 8.42 -3.59 11.93
N CYS B 217 7.68 -3.30 10.87
CA CYS B 217 7.42 -4.28 9.83
C CYS B 217 8.68 -4.68 9.09
N VAL B 218 9.46 -3.69 8.65
CA VAL B 218 10.70 -3.96 7.94
C VAL B 218 11.54 -4.95 8.71
N MET B 219 11.96 -4.56 9.91
CA MET B 219 12.78 -5.41 10.77
C MET B 219 12.21 -6.82 10.86
N ALA B 220 10.92 -6.91 11.15
CA ALA B 220 10.27 -8.21 11.31
C ALA B 220 10.51 -9.12 10.12
N THR B 221 10.35 -8.59 8.92
CA THR B 221 10.49 -9.40 7.71
C THR B 221 11.96 -9.66 7.37
N ILE B 222 12.83 -8.71 7.68
CA ILE B 222 14.27 -8.89 7.48
C ILE B 222 14.77 -10.06 8.29
N ILE B 223 14.31 -10.14 9.54
CA ILE B 223 14.63 -11.28 10.39
C ILE B 223 13.93 -12.52 9.89
N LEU B 224 12.68 -12.35 9.49
CA LEU B 224 11.88 -13.46 8.95
C LEU B 224 12.57 -14.07 7.74
N ARG B 225 13.22 -13.23 6.95
CA ARG B 225 13.87 -13.69 5.72
C ARG B 225 15.24 -14.30 5.97
N MET B 226 15.93 -13.80 6.99
CA MET B 226 17.21 -14.37 7.38
C MET B 226 17.04 -15.80 7.88
N ILE B 227 15.91 -16.05 8.53
CA ILE B 227 15.66 -17.34 9.16
C ILE B 227 15.07 -18.36 8.19
N ARG B 228 14.14 -17.93 7.35
CA ARG B 228 13.47 -18.84 6.43
C ARG B 228 13.16 -18.21 5.07
N GLY B 229 13.51 -16.93 4.92
CA GLY B 229 13.27 -16.23 3.67
C GLY B 229 14.01 -16.87 2.51
N GLN B 230 14.17 -16.14 1.42
CA GLN B 230 13.71 -14.75 1.32
C GLN B 230 12.51 -14.66 0.38
N SER B 231 12.26 -15.74 -0.34
CA SER B 231 11.20 -15.77 -1.36
C SER B 231 9.80 -15.60 -0.78
N ALA B 232 8.85 -15.23 -1.64
CA ALA B 232 7.46 -15.07 -1.23
C ALA B 232 6.80 -16.41 -0.99
N ILE B 233 5.53 -16.38 -0.59
CA ILE B 233 4.78 -17.61 -0.32
C ILE B 233 4.50 -18.37 -1.61
N ILE B 234 4.14 -17.64 -2.66
CA ILE B 234 3.90 -18.24 -3.97
C ILE B 234 4.10 -17.21 -5.10
N SER B 235 5.34 -17.06 -5.53
CA SER B 235 5.69 -16.07 -6.55
C SER B 235 5.17 -16.47 -7.93
N LEU B 236 4.26 -15.66 -8.47
CA LEU B 236 3.71 -15.88 -9.80
C LEU B 236 3.96 -14.64 -10.64
N THR B 237 5.22 -14.20 -10.68
CA THR B 237 5.57 -12.89 -11.22
C THR B 237 5.43 -12.74 -12.74
N GLU B 238 5.30 -13.85 -13.46
CA GLU B 238 5.34 -13.80 -14.91
C GLU B 238 3.97 -13.88 -15.60
N PHE B 239 2.89 -13.70 -14.83
CA PHE B 239 1.56 -13.60 -15.43
C PHE B 239 1.14 -12.14 -15.48
N LYS B 240 1.43 -11.49 -16.60
CA LYS B 240 1.25 -10.04 -16.68
C LYS B 240 0.31 -9.57 -17.80
N ARG B 241 -0.21 -10.50 -18.58
CA ARG B 241 -1.16 -10.14 -19.64
C ARG B 241 -2.58 -10.05 -19.08
N VAL B 242 -3.03 -8.83 -18.82
CA VAL B 242 -4.36 -8.63 -18.25
C VAL B 242 -5.14 -7.56 -19.01
N PRO B 243 -5.85 -7.97 -20.08
CA PRO B 243 -6.59 -7.05 -20.95
C PRO B 243 -7.65 -6.25 -20.20
N LEU B 244 -7.81 -4.97 -20.57
CA LEU B 244 -8.75 -4.10 -19.87
C LEU B 244 -10.20 -4.54 -20.00
N ASP B 245 -10.57 -5.07 -21.16
CA ASP B 245 -11.94 -5.50 -21.38
C ASP B 245 -12.20 -6.87 -20.75
N SER B 246 -11.50 -7.15 -19.66
CA SER B 246 -11.73 -8.37 -18.89
C SER B 246 -12.25 -8.00 -17.50
N LEU B 247 -12.25 -6.71 -17.20
CA LEU B 247 -12.59 -6.24 -15.87
C LEU B 247 -14.01 -6.58 -15.43
N TRP B 248 -14.94 -6.56 -16.38
CA TRP B 248 -16.34 -6.88 -16.08
C TRP B 248 -16.44 -8.22 -15.34
N MET B 249 -15.57 -9.15 -15.70
CA MET B 249 -15.53 -10.46 -15.06
C MET B 249 -15.32 -10.36 -13.55
N PHE B 250 -14.31 -9.59 -13.15
CA PHE B 250 -13.94 -9.50 -11.75
C PHE B 250 -15.02 -8.79 -10.92
N ILE B 251 -15.91 -8.08 -11.58
CA ILE B 251 -17.08 -7.53 -10.90
C ILE B 251 -17.97 -8.69 -10.45
N ILE B 252 -18.18 -9.64 -11.35
CA ILE B 252 -18.96 -10.84 -11.03
C ILE B 252 -18.24 -11.67 -9.98
N LEU B 253 -16.93 -11.83 -10.16
CA LEU B 253 -16.11 -12.55 -9.20
C LEU B 253 -16.22 -11.90 -7.83
N GLY B 254 -16.34 -10.57 -7.83
CA GLY B 254 -16.56 -9.82 -6.60
C GLY B 254 -17.92 -10.09 -6.02
N ILE B 255 -18.95 -10.00 -6.87
CA ILE B 255 -20.31 -10.34 -6.46
C ILE B 255 -20.32 -11.71 -5.79
N LEU B 256 -19.54 -12.64 -6.33
CA LEU B 256 -19.51 -14.01 -5.81
C LEU B 256 -18.88 -14.06 -4.43
N PHE B 257 -17.67 -13.52 -4.32
CA PHE B 257 -16.99 -13.46 -3.03
C PHE B 257 -17.72 -12.56 -2.04
N GLY B 258 -18.62 -11.73 -2.57
CA GLY B 258 -19.45 -10.90 -1.73
C GLY B 258 -20.39 -11.75 -0.90
N VAL B 259 -21.24 -12.53 -1.58
CA VAL B 259 -22.18 -13.39 -0.89
C VAL B 259 -21.44 -14.49 -0.13
N MET B 260 -20.31 -14.93 -0.67
CA MET B 260 -19.51 -15.95 -0.03
C MET B 260 -19.04 -15.49 1.34
N GLY B 261 -18.51 -14.28 1.39
CA GLY B 261 -18.06 -13.69 2.65
C GLY B 261 -19.22 -13.48 3.60
N TYR B 262 -20.38 -13.14 3.03
CA TYR B 262 -21.58 -12.90 3.82
C TYR B 262 -21.99 -14.16 4.60
N THR B 263 -22.08 -15.28 3.89
CA THR B 263 -22.50 -16.53 4.52
C THR B 263 -21.41 -17.08 5.44
N PHE B 264 -20.15 -16.78 5.12
CA PHE B 264 -19.05 -17.24 5.97
C PHE B 264 -19.12 -16.60 7.35
N ASN B 265 -19.37 -15.30 7.39
CA ASN B 265 -19.56 -14.60 8.66
C ASN B 265 -20.76 -15.16 9.41
N ARG B 266 -21.93 -15.12 8.78
CA ARG B 266 -23.15 -15.63 9.37
C ARG B 266 -22.94 -17.04 9.92
N GLY B 267 -22.45 -17.92 9.06
CA GLY B 267 -22.17 -19.30 9.46
C GLY B 267 -21.28 -19.37 10.68
N LEU B 268 -20.20 -18.61 10.67
CA LEU B 268 -19.24 -18.60 11.78
C LEU B 268 -19.95 -18.28 13.09
N PHE B 269 -20.79 -17.25 13.07
CA PHE B 269 -21.49 -16.80 14.26
C PHE B 269 -22.47 -17.84 14.80
N LYS B 270 -23.19 -18.50 13.89
CA LYS B 270 -24.11 -19.55 14.29
C LYS B 270 -23.35 -20.73 14.88
N VAL B 271 -22.18 -21.03 14.34
CA VAL B 271 -21.34 -22.09 14.88
C VAL B 271 -20.68 -21.64 16.16
N LEU B 272 -20.53 -20.33 16.32
CA LEU B 272 -19.97 -19.77 17.55
C LEU B 272 -20.98 -19.88 18.68
N ASP B 273 -22.26 -19.66 18.38
CA ASP B 273 -23.31 -19.80 19.37
C ASP B 273 -23.42 -21.24 19.82
N TRP B 274 -23.56 -22.15 18.85
CA TRP B 274 -23.67 -23.57 19.14
C TRP B 274 -22.59 -24.07 20.08
N PHE B 275 -21.37 -23.55 19.93
CA PHE B 275 -20.27 -23.95 20.78
C PHE B 275 -20.34 -23.29 22.15
N ASP B 276 -20.92 -22.09 22.20
CA ASP B 276 -21.10 -21.39 23.47
C ASP B 276 -22.10 -22.13 24.35
N ARG B 277 -23.03 -22.84 23.71
CA ARG B 277 -24.08 -23.56 24.41
C ARG B 277 -23.61 -24.89 25.01
N LEU B 278 -22.39 -24.92 25.52
CA LEU B 278 -21.91 -26.05 26.31
C LEU B 278 -22.39 -27.38 25.68
N PRO B 279 -22.85 -28.36 26.49
CA PRO B 279 -22.95 -28.59 27.94
C PRO B 279 -21.58 -28.76 28.58
N PRO B 280 -21.51 -28.55 29.91
CA PRO B 280 -20.26 -28.64 30.68
C PRO B 280 -19.44 -29.88 30.34
N LEU B 281 -20.12 -30.99 30.06
CA LEU B 281 -19.45 -32.24 29.74
C LEU B 281 -18.90 -32.22 28.31
N ALA B 282 -19.71 -31.75 27.37
CA ALA B 282 -19.30 -31.69 25.97
C ALA B 282 -18.00 -30.91 25.81
N THR B 283 -17.87 -29.83 26.59
CA THR B 283 -16.69 -28.99 26.54
C THR B 283 -15.43 -29.74 26.95
N LYS B 284 -15.56 -30.59 27.97
CA LYS B 284 -14.43 -31.38 28.45
C LYS B 284 -13.84 -32.23 27.33
N TRP B 285 -14.72 -32.80 26.50
CA TRP B 285 -14.29 -33.65 25.39
C TRP B 285 -14.07 -32.87 24.11
N LYS B 286 -14.71 -31.70 24.00
CA LYS B 286 -14.61 -30.88 22.81
C LYS B 286 -13.17 -30.73 22.34
N GLY B 287 -12.25 -30.57 23.29
CA GLY B 287 -10.85 -30.42 22.98
C GLY B 287 -10.26 -31.64 22.30
N PHE B 288 -10.54 -32.81 22.86
CA PHE B 288 -9.99 -34.06 22.33
C PHE B 288 -10.69 -34.51 21.06
N LEU B 289 -12.02 -34.56 21.10
CA LEU B 289 -12.83 -34.97 19.95
C LEU B 289 -12.47 -34.19 18.70
N LEU B 290 -12.54 -32.86 18.81
CA LEU B 290 -12.29 -31.99 17.67
C LEU B 290 -10.90 -32.21 17.09
N GLY B 291 -9.92 -32.35 17.97
CA GLY B 291 -8.54 -32.53 17.56
C GLY B 291 -8.26 -33.90 16.95
N SER B 292 -9.05 -34.89 17.33
CA SER B 292 -8.83 -36.26 16.85
C SER B 292 -9.37 -36.47 15.44
N ILE B 293 -10.47 -35.81 15.12
CA ILE B 293 -11.02 -35.84 13.76
C ILE B 293 -10.07 -35.16 12.78
N ILE B 294 -9.61 -33.97 13.16
CA ILE B 294 -8.61 -33.25 12.36
C ILE B 294 -7.41 -34.14 12.09
N GLY B 295 -7.00 -34.89 13.12
CA GLY B 295 -5.88 -35.81 12.99
C GLY B 295 -6.12 -36.87 11.93
N ILE B 296 -7.35 -37.36 11.85
CA ILE B 296 -7.73 -38.33 10.83
C ILE B 296 -7.64 -37.71 9.44
N LEU B 297 -8.21 -36.52 9.30
CA LEU B 297 -8.26 -35.84 8.00
C LEU B 297 -6.86 -35.40 7.53
N SER B 298 -5.90 -35.41 8.45
CA SER B 298 -4.53 -35.04 8.09
C SER B 298 -3.91 -36.09 7.18
N LEU B 299 -4.41 -37.31 7.25
CA LEU B 299 -3.84 -38.44 6.53
C LEU B 299 -4.13 -38.42 5.04
N PHE B 300 -5.38 -38.16 4.68
CA PHE B 300 -5.77 -38.08 3.28
C PHE B 300 -4.85 -37.13 2.52
N PRO B 301 -4.49 -37.50 1.27
CA PRO B 301 -3.58 -36.68 0.47
C PRO B 301 -4.33 -35.51 -0.17
N LEU B 302 -4.75 -34.56 0.66
CA LEU B 302 -5.53 -33.43 0.20
C LEU B 302 -5.43 -32.31 1.24
N PRO B 303 -5.31 -31.06 0.77
CA PRO B 303 -5.09 -29.92 1.66
C PRO B 303 -6.37 -29.45 2.34
N LEU B 304 -6.97 -30.30 3.18
CA LEU B 304 -8.17 -29.91 3.91
C LEU B 304 -7.89 -29.72 5.39
N THR B 305 -6.62 -29.63 5.76
CA THR B 305 -6.22 -29.25 7.12
C THR B 305 -5.08 -28.24 7.09
N ASP B 306 -4.53 -27.94 8.25
CA ASP B 306 -3.42 -27.00 8.38
C ASP B 306 -3.85 -25.55 8.13
N GLY B 307 -2.89 -24.64 8.17
CA GLY B 307 -3.15 -23.21 8.07
C GLY B 307 -3.94 -22.76 6.86
N GLY B 308 -3.48 -23.13 5.68
CA GLY B 308 -4.12 -22.73 4.44
C GLY B 308 -3.10 -22.44 3.36
N ASP B 309 -1.84 -22.24 3.79
CA ASP B 309 -0.75 -22.04 2.86
C ASP B 309 -0.70 -23.21 1.89
N ASN B 310 -0.82 -24.41 2.43
CA ASN B 310 -0.88 -25.62 1.61
C ASN B 310 -2.05 -25.59 0.65
N ALA B 311 -3.22 -25.16 1.14
CA ALA B 311 -4.40 -25.04 0.30
C ALA B 311 -4.13 -24.11 -0.88
N VAL B 312 -3.47 -22.99 -0.61
CA VAL B 312 -3.10 -22.05 -1.67
C VAL B 312 -2.08 -22.68 -2.61
N LEU B 313 -1.05 -23.30 -2.04
CA LEU B 313 -0.03 -23.98 -2.84
C LEU B 313 -0.58 -25.25 -3.47
N TRP B 314 -1.89 -25.45 -3.36
CA TRP B 314 -2.54 -26.61 -3.96
C TRP B 314 -3.46 -26.17 -5.09
N ALA B 315 -4.24 -25.10 -4.86
CA ALA B 315 -5.04 -24.48 -5.92
C ALA B 315 -4.12 -24.27 -7.10
N PHE B 316 -3.25 -23.27 -7.00
CA PHE B 316 -2.01 -23.28 -7.75
C PHE B 316 -1.15 -24.18 -6.88
N ASN B 317 -0.42 -25.12 -7.46
CA ASN B 317 -0.33 -25.27 -8.90
C ASN B 317 -0.77 -26.66 -9.33
N SER B 318 -0.71 -27.61 -8.40
CA SER B 318 -1.09 -28.99 -8.68
C SER B 318 -2.44 -29.08 -9.38
N GLN B 319 -2.42 -29.26 -10.69
CA GLN B 319 -3.65 -29.42 -11.46
C GLN B 319 -4.44 -30.59 -10.92
N SER B 320 -5.69 -30.34 -10.53
CA SER B 320 -6.53 -31.39 -9.97
C SER B 320 -7.94 -31.27 -10.51
N HIS B 321 -8.68 -32.37 -10.46
CA HIS B 321 -10.04 -32.41 -11.00
C HIS B 321 -10.89 -31.28 -10.45
N PHE B 322 -11.67 -30.66 -11.33
CA PHE B 322 -12.57 -29.57 -10.94
C PHE B 322 -13.44 -30.01 -9.78
N SER B 323 -13.87 -31.27 -9.81
CA SER B 323 -14.67 -31.84 -8.74
C SER B 323 -13.93 -31.81 -7.41
N THR B 324 -12.65 -32.20 -7.43
CA THR B 324 -11.85 -32.22 -6.22
C THR B 324 -11.70 -30.82 -5.65
N LEU B 325 -11.72 -29.81 -6.52
CA LEU B 325 -11.69 -28.43 -6.08
C LEU B 325 -12.93 -28.15 -5.25
N ILE B 326 -14.10 -28.45 -5.82
CA ILE B 326 -15.35 -28.27 -5.12
C ILE B 326 -15.33 -29.06 -3.81
N LEU B 327 -14.78 -30.26 -3.87
CA LEU B 327 -14.70 -31.13 -2.71
C LEU B 327 -13.90 -30.49 -1.58
N VAL B 328 -12.65 -30.12 -1.87
CA VAL B 328 -11.77 -29.52 -0.88
C VAL B 328 -12.27 -28.16 -0.38
N PHE B 329 -12.96 -27.44 -1.24
CA PHE B 329 -13.53 -26.14 -0.86
C PHE B 329 -14.57 -26.30 0.23
N CYS B 330 -15.53 -27.19 0.00
CA CYS B 330 -16.59 -27.43 0.99
C CYS B 330 -16.00 -27.99 2.29
N GLY B 331 -15.09 -28.94 2.16
CA GLY B 331 -14.42 -29.49 3.31
C GLY B 331 -13.82 -28.40 4.18
N ARG B 332 -12.91 -27.63 3.61
CA ARG B 332 -12.24 -26.56 4.35
C ARG B 332 -13.20 -25.48 4.83
N PHE B 333 -14.13 -25.07 3.98
CA PHE B 333 -15.07 -24.02 4.35
C PHE B 333 -15.82 -24.39 5.62
N LEU B 334 -16.27 -25.64 5.71
CA LEU B 334 -16.95 -26.11 6.92
C LEU B 334 -15.97 -26.30 8.07
N LEU B 335 -14.90 -27.04 7.79
CA LEU B 335 -13.90 -27.36 8.81
C LEU B 335 -13.31 -26.13 9.50
N THR B 336 -13.07 -25.06 8.76
CA THR B 336 -12.55 -23.84 9.36
C THR B 336 -13.58 -23.26 10.32
N LEU B 337 -14.85 -23.34 9.93
CA LEU B 337 -15.94 -22.87 10.78
C LEU B 337 -15.99 -23.67 12.07
N ILE B 338 -15.88 -24.98 11.95
CA ILE B 338 -15.86 -25.85 13.12
C ILE B 338 -14.64 -25.55 13.99
N CYS B 339 -13.47 -25.45 13.38
CA CYS B 339 -12.24 -25.21 14.12
C CYS B 339 -12.25 -23.89 14.87
N TYR B 340 -12.51 -22.80 14.15
CA TYR B 340 -12.52 -21.49 14.78
C TYR B 340 -13.74 -21.32 15.69
N GLY B 341 -14.84 -21.95 15.31
CA GLY B 341 -16.07 -21.88 16.08
C GLY B 341 -15.91 -22.48 17.46
N SER B 342 -15.04 -23.49 17.57
CA SER B 342 -14.80 -24.15 18.85
C SER B 342 -14.00 -23.26 19.79
N GLY B 343 -13.45 -22.17 19.26
CA GLY B 343 -12.72 -21.22 20.06
C GLY B 343 -11.30 -21.62 20.39
N ALA B 344 -10.70 -22.45 19.55
CA ALA B 344 -9.30 -22.84 19.72
C ALA B 344 -8.39 -21.67 19.35
N ILE B 345 -7.15 -21.71 19.83
CA ILE B 345 -6.17 -20.69 19.48
C ILE B 345 -5.93 -20.73 17.98
N GLY B 346 -6.64 -19.87 17.25
CA GLY B 346 -6.68 -19.98 15.80
C GLY B 346 -6.01 -18.86 15.03
N GLY B 347 -6.81 -18.10 14.32
CA GLY B 347 -6.32 -17.16 13.32
C GLY B 347 -7.02 -17.50 12.02
N ILE B 348 -7.75 -16.54 11.47
CA ILE B 348 -8.68 -16.83 10.39
C ILE B 348 -8.22 -16.36 9.00
N PHE B 349 -7.15 -15.57 8.97
CA PHE B 349 -6.65 -15.00 7.71
C PHE B 349 -6.26 -16.07 6.68
N ALA B 350 -5.22 -16.83 6.99
CA ALA B 350 -4.73 -17.88 6.10
C ALA B 350 -5.84 -18.81 5.61
N PRO B 351 -6.67 -19.34 6.53
CA PRO B 351 -7.76 -20.23 6.13
C PRO B 351 -8.65 -19.64 5.04
N MET B 352 -8.86 -18.32 5.07
CA MET B 352 -9.69 -17.68 4.06
C MET B 352 -8.93 -17.46 2.76
N LEU B 353 -7.61 -17.40 2.86
CA LEU B 353 -6.77 -17.35 1.68
C LEU B 353 -6.83 -18.68 0.93
N GLY B 354 -6.76 -19.77 1.68
CA GLY B 354 -6.83 -21.10 1.12
C GLY B 354 -8.17 -21.38 0.48
N ILE B 355 -9.24 -20.97 1.15
CA ILE B 355 -10.59 -21.17 0.63
C ILE B 355 -10.81 -20.36 -0.64
N ALA B 356 -10.39 -19.10 -0.62
CA ALA B 356 -10.56 -18.23 -1.78
C ALA B 356 -9.75 -18.72 -2.97
N SER B 357 -8.46 -18.98 -2.74
CA SER B 357 -7.57 -19.42 -3.80
C SER B 357 -8.06 -20.69 -4.47
N ILE B 358 -8.76 -21.54 -3.72
CA ILE B 358 -9.37 -22.74 -4.28
C ILE B 358 -10.57 -22.36 -5.15
N VAL B 359 -11.35 -21.39 -4.69
CA VAL B 359 -12.51 -20.92 -5.45
C VAL B 359 -12.11 -20.13 -6.68
N SER B 360 -11.12 -19.25 -6.51
CA SER B 360 -10.68 -18.40 -7.61
C SER B 360 -10.08 -19.21 -8.75
N VAL B 361 -9.42 -20.33 -8.42
CA VAL B 361 -8.88 -21.21 -9.45
C VAL B 361 -10.03 -21.87 -10.20
N ALA B 362 -10.99 -22.41 -9.46
CA ALA B 362 -12.17 -23.01 -10.07
C ALA B 362 -12.86 -22.01 -10.98
N MET B 363 -12.97 -20.77 -10.51
CA MET B 363 -13.60 -19.71 -11.28
C MET B 363 -12.72 -19.29 -12.45
N ALA B 364 -11.41 -19.27 -12.22
CA ALA B 364 -10.46 -18.92 -13.27
C ALA B 364 -10.64 -19.85 -14.45
N ARG B 365 -10.65 -21.15 -14.17
CA ARG B 365 -10.85 -22.16 -15.20
C ARG B 365 -12.13 -21.89 -15.97
N HIS B 366 -13.22 -21.70 -15.23
CA HIS B 366 -14.54 -21.53 -15.82
C HIS B 366 -14.60 -20.31 -16.75
N PHE B 367 -14.02 -19.20 -16.31
CA PHE B 367 -14.04 -17.99 -17.12
C PHE B 367 -13.14 -18.09 -18.35
N HIS B 368 -12.01 -18.76 -18.20
CA HIS B 368 -11.14 -19.02 -19.34
C HIS B 368 -11.90 -19.87 -20.36
N LEU B 369 -12.69 -20.80 -19.84
CA LEU B 369 -13.55 -21.65 -20.64
C LEU B 369 -14.49 -20.80 -21.49
N LEU B 370 -15.02 -19.74 -20.88
CA LEU B 370 -16.07 -18.94 -21.50
C LEU B 370 -15.58 -17.76 -22.33
N PHE B 371 -14.45 -17.19 -21.95
CA PHE B 371 -13.93 -16.01 -22.64
C PHE B 371 -12.41 -16.00 -22.68
N PRO B 372 -11.81 -17.01 -23.32
CA PRO B 372 -10.35 -17.15 -23.36
C PRO B 372 -9.67 -15.91 -23.93
N SER B 373 -10.36 -15.20 -24.81
CA SER B 373 -9.78 -14.02 -25.46
C SER B 373 -9.64 -12.85 -24.49
N GLN B 374 -10.40 -12.87 -23.40
CA GLN B 374 -10.33 -11.82 -22.40
C GLN B 374 -9.59 -12.28 -21.15
N ILE B 375 -9.36 -13.58 -21.05
CA ILE B 375 -8.59 -14.14 -19.94
C ILE B 375 -7.49 -15.06 -20.50
N PRO B 376 -6.53 -14.49 -21.23
CA PRO B 376 -5.44 -15.25 -21.83
C PRO B 376 -4.74 -16.10 -20.77
N GLU B 377 -4.16 -15.43 -19.78
CA GLU B 377 -3.59 -16.11 -18.62
C GLU B 377 -4.62 -16.09 -17.50
N PRO B 378 -5.20 -17.27 -17.21
CA PRO B 378 -6.27 -17.36 -16.22
C PRO B 378 -5.73 -17.37 -14.80
N ALA B 379 -4.41 -17.47 -14.66
CA ALA B 379 -3.77 -17.37 -13.35
C ALA B 379 -4.10 -16.00 -12.78
N VAL B 380 -4.14 -15.00 -13.66
CA VAL B 380 -4.48 -13.64 -13.28
C VAL B 380 -5.72 -13.62 -12.39
N MET B 381 -6.75 -14.34 -12.80
CA MET B 381 -8.00 -14.40 -12.06
C MET B 381 -7.83 -15.13 -10.73
N ALA B 382 -7.03 -16.19 -10.73
CA ALA B 382 -6.79 -16.93 -9.50
C ALA B 382 -6.16 -16.02 -8.47
N ILE B 383 -5.21 -15.20 -8.92
CA ILE B 383 -4.53 -14.22 -8.08
C ILE B 383 -5.50 -13.16 -7.56
N ALA B 384 -6.35 -12.66 -8.46
CA ALA B 384 -7.28 -11.58 -8.12
C ALA B 384 -8.21 -11.96 -6.97
N GLY B 385 -8.74 -13.19 -7.02
CA GLY B 385 -9.69 -13.63 -6.02
C GLY B 385 -9.06 -14.29 -4.81
N MET B 386 -7.73 -14.24 -4.73
CA MET B 386 -7.01 -14.87 -3.64
C MET B 386 -7.26 -14.17 -2.30
N GLY B 387 -7.43 -12.85 -2.34
CA GLY B 387 -7.70 -12.10 -1.14
C GLY B 387 -9.13 -11.57 -1.08
N ALA B 388 -9.97 -12.04 -1.99
CA ALA B 388 -11.33 -11.52 -2.11
C ALA B 388 -12.21 -11.88 -0.90
N LEU B 389 -12.08 -13.12 -0.42
CA LEU B 389 -12.85 -13.57 0.73
C LEU B 389 -12.50 -12.76 1.97
N VAL B 390 -11.21 -12.46 2.14
CA VAL B 390 -10.74 -11.65 3.26
C VAL B 390 -11.34 -10.25 3.20
N ALA B 391 -11.34 -9.66 2.01
CA ALA B 391 -11.86 -8.31 1.84
C ALA B 391 -13.35 -8.22 2.18
N ALA B 392 -14.09 -9.28 1.85
CA ALA B 392 -15.54 -9.29 2.06
C ALA B 392 -15.90 -9.50 3.52
N THR B 393 -15.26 -10.47 4.15
CA THR B 393 -15.54 -10.83 5.54
C THR B 393 -14.99 -9.80 6.53
N VAL B 394 -13.95 -9.08 6.13
CA VAL B 394 -13.25 -8.19 7.04
C VAL B 394 -13.54 -6.70 6.81
N ARG B 395 -14.00 -6.36 5.60
CA ARG B 395 -14.25 -4.97 5.23
C ARG B 395 -12.93 -4.24 4.97
N ALA B 396 -11.85 -5.02 4.82
CA ALA B 396 -10.54 -4.45 4.59
C ALA B 396 -9.96 -4.82 3.22
N PRO B 397 -10.47 -4.20 2.16
CA PRO B 397 -9.99 -4.47 0.81
C PRO B 397 -8.55 -4.01 0.61
N LEU B 398 -8.23 -2.81 1.08
CA LEU B 398 -6.90 -2.24 0.90
C LEU B 398 -5.79 -3.17 1.38
N THR B 399 -6.01 -3.86 2.50
CA THR B 399 -5.01 -4.76 3.04
C THR B 399 -5.03 -6.12 2.34
N ALA B 400 -6.22 -6.57 1.98
CA ALA B 400 -6.36 -7.83 1.23
C ALA B 400 -5.64 -7.72 -0.10
N ILE B 401 -5.82 -6.58 -0.77
CA ILE B 401 -5.13 -6.29 -2.01
C ILE B 401 -3.62 -6.37 -1.82
N LEU B 402 -3.10 -5.56 -0.89
CA LEU B 402 -1.66 -5.55 -0.61
C LEU B 402 -1.14 -6.94 -0.28
N LEU B 403 -1.84 -7.64 0.62
CA LEU B 403 -1.45 -8.97 1.04
C LEU B 403 -1.10 -9.86 -0.16
N THR B 404 -2.03 -9.96 -1.11
CA THR B 404 -1.83 -10.84 -2.27
C THR B 404 -0.67 -10.37 -3.14
N ILE B 405 -0.56 -9.06 -3.33
CA ILE B 405 0.55 -8.51 -4.09
C ILE B 405 1.87 -8.93 -3.46
N GLU B 406 1.96 -8.79 -2.14
CA GLU B 406 3.18 -9.10 -1.42
C GLU B 406 3.52 -10.59 -1.42
N MET B 407 2.50 -11.44 -1.54
CA MET B 407 2.74 -12.87 -1.51
C MET B 407 2.62 -13.52 -2.88
N THR B 408 2.76 -12.71 -3.94
CA THR B 408 2.87 -13.23 -5.30
C THR B 408 3.86 -12.41 -6.11
N ASP B 409 4.42 -11.37 -5.50
CA ASP B 409 5.39 -10.49 -6.16
C ASP B 409 4.83 -9.92 -7.46
N ASN B 410 3.51 -10.02 -7.64
CA ASN B 410 2.87 -9.61 -8.88
C ASN B 410 2.02 -8.35 -8.73
N TYR B 411 2.44 -7.27 -9.37
CA TYR B 411 1.67 -6.04 -9.34
C TYR B 411 0.83 -5.85 -10.61
N PHE B 412 1.16 -6.61 -11.65
CA PHE B 412 0.46 -6.49 -12.93
C PHE B 412 -1.04 -6.76 -12.81
N VAL B 413 -1.41 -7.53 -11.80
CA VAL B 413 -2.79 -7.99 -11.61
C VAL B 413 -3.61 -7.01 -10.76
N ILE B 414 -3.09 -5.80 -10.55
CA ILE B 414 -3.71 -4.86 -9.63
C ILE B 414 -5.14 -4.46 -10.00
N LEU B 415 -5.38 -4.10 -11.26
CA LEU B 415 -6.72 -3.66 -11.67
C LEU B 415 -7.78 -4.73 -11.39
N PRO B 416 -7.54 -5.97 -11.85
CA PRO B 416 -8.48 -7.05 -11.49
C PRO B 416 -8.55 -7.19 -9.98
N LEU B 417 -7.39 -7.11 -9.32
CA LEU B 417 -7.31 -7.20 -7.87
C LEU B 417 -8.17 -6.15 -7.19
N LEU B 418 -7.93 -4.88 -7.51
CA LEU B 418 -8.70 -3.78 -6.94
C LEU B 418 -10.19 -4.00 -7.08
N VAL B 419 -10.64 -4.31 -8.30
CA VAL B 419 -12.06 -4.46 -8.58
C VAL B 419 -12.70 -5.61 -7.81
N THR B 420 -12.16 -6.81 -7.96
CA THR B 420 -12.73 -7.98 -7.30
C THR B 420 -12.77 -7.85 -5.78
N CYS B 421 -11.70 -7.29 -5.20
CA CYS B 421 -11.58 -7.21 -3.75
C CYS B 421 -12.57 -6.23 -3.11
N LEU B 422 -12.72 -5.05 -3.70
CA LEU B 422 -13.61 -4.06 -3.11
C LEU B 422 -15.06 -4.22 -3.54
N VAL B 423 -15.28 -4.87 -4.68
CA VAL B 423 -16.64 -5.23 -5.06
C VAL B 423 -17.15 -6.35 -4.14
N ALA B 424 -16.24 -7.25 -3.77
CA ALA B 424 -16.57 -8.30 -2.82
C ALA B 424 -16.89 -7.67 -1.47
N SER B 425 -16.15 -6.64 -1.10
CA SER B 425 -16.35 -5.93 0.16
C SER B 425 -17.70 -5.20 0.17
N VAL B 426 -17.99 -4.50 -0.93
CA VAL B 426 -19.23 -3.73 -1.04
C VAL B 426 -20.46 -4.62 -1.06
N VAL B 427 -20.41 -5.69 -1.85
CA VAL B 427 -21.52 -6.63 -1.94
C VAL B 427 -21.78 -7.31 -0.59
N ALA B 428 -20.71 -7.57 0.15
CA ALA B 428 -20.83 -8.23 1.45
C ALA B 428 -21.61 -7.36 2.43
N GLU B 429 -21.15 -6.13 2.62
CA GLU B 429 -21.82 -5.20 3.52
C GLU B 429 -22.98 -4.48 2.84
N ALA B 430 -23.48 -5.08 1.76
CA ALA B 430 -24.69 -4.63 1.10
C ALA B 430 -25.80 -5.59 1.47
N LEU B 431 -25.43 -6.84 1.73
CA LEU B 431 -26.35 -7.84 2.23
C LEU B 431 -26.37 -7.74 3.76
N GLY B 432 -25.62 -6.77 4.28
CA GLY B 432 -25.56 -6.52 5.71
C GLY B 432 -24.86 -7.63 6.47
N GLY B 433 -23.55 -7.72 6.31
CA GLY B 433 -22.78 -8.80 6.93
C GLY B 433 -21.97 -8.34 8.13
N LYS B 434 -21.53 -7.09 8.11
CA LYS B 434 -20.73 -6.51 9.19
C LYS B 434 -19.31 -7.09 9.23
N PRO B 435 -18.34 -6.26 9.62
CA PRO B 435 -16.93 -6.66 9.77
C PRO B 435 -16.78 -7.79 10.78
N ILE B 436 -16.24 -8.92 10.34
CA ILE B 436 -16.12 -10.11 11.18
C ILE B 436 -15.33 -9.85 12.45
N TYR B 437 -14.41 -8.88 12.39
CA TYR B 437 -13.56 -8.58 13.55
C TYR B 437 -14.25 -7.68 14.57
N THR B 438 -15.04 -6.73 14.10
CA THR B 438 -15.78 -5.86 15.01
C THR B 438 -16.86 -6.66 15.73
N VAL B 439 -17.43 -7.64 15.04
CA VAL B 439 -18.41 -8.54 15.64
C VAL B 439 -17.71 -9.47 16.63
N LEU B 440 -16.61 -10.08 16.19
CA LEU B 440 -15.83 -10.95 17.04
C LEU B 440 -15.35 -10.20 18.29
N LEU B 441 -15.39 -8.88 18.23
CA LEU B 441 -14.97 -8.05 19.36
C LEU B 441 -16.14 -7.82 20.30
N GLU B 442 -17.29 -7.50 19.73
CA GLU B 442 -18.52 -7.33 20.51
C GLU B 442 -18.83 -8.58 21.32
N ARG B 443 -18.52 -9.75 20.74
CA ARG B 443 -18.75 -11.01 21.43
C ARG B 443 -17.75 -11.21 22.58
N THR B 444 -16.47 -11.04 22.28
CA THR B 444 -15.43 -11.19 23.30
C THR B 444 -15.59 -10.14 24.39
N LEU B 445 -16.28 -9.05 24.06
CA LEU B 445 -16.64 -8.06 25.06
C LEU B 445 -17.79 -8.56 25.91
N ALA B 446 -18.78 -9.15 25.24
CA ALA B 446 -19.93 -9.73 25.95
C ALA B 446 -19.47 -10.70 27.02
N LYS B 447 -18.26 -11.23 26.85
CA LYS B 447 -17.67 -12.08 27.89
C LYS B 447 -16.99 -11.24 28.97
N GLN B 448 -17.64 -10.16 29.39
CA GLN B 448 -17.15 -9.38 30.51
C GLN B 448 -17.50 -10.10 31.82
N ASN B 449 -17.36 -11.42 31.76
CA ASN B 449 -17.59 -12.34 32.87
C ASN B 449 -17.11 -13.72 32.48
N ARG B 450 -16.33 -13.78 31.40
CA ARG B 450 -15.79 -15.02 30.82
C ARG B 450 -16.09 -16.28 31.63
CL CL C . 3.02 18.11 -6.19
CL CL D . -6.48 -13.54 12.01
#